data_5UDH
#
_entry.id   5UDH
#
_cell.length_a   184.571
_cell.length_b   76.788
_cell.length_c   147.724
_cell.angle_alpha   90.00
_cell.angle_beta   107.33
_cell.angle_gamma   90.00
#
_symmetry.space_group_name_H-M   'C 1 2 1'
#
loop_
_entity.id
_entity.type
_entity.pdbx_description
1 polymer 'E3 ubiquitin-protein ligase ARIH1'
2 polymer 'Ubiquitin-conjugating enzyme E2 L3'
3 polymer 'Ubiquitin C variant'
4 non-polymer 'ZINC ION'
#
loop_
_entity_poly.entity_id
_entity_poly.type
_entity_poly.pdbx_seq_one_letter_code
_entity_poly.pdbx_strand_id
1 'polypeptide(L)'
;GSGPGHEQEEDYRYEVLTAEQILQHMVECIREVNEVIQNPATITRILLSHFNWDKEKLMERYFDGNLEKLFAECHVINPS
KKSRTRQMNTRSSAQDMPCQICYLNYPNSYFTGLECGHKFCMQCWSEYLTTKIMEEGMGQTISCPAHGCDILVDDNTVMR
LITDSKVKLKYQHLITNSFVECNRLLKWCPAPDCHHVVKVQYPDAKPVRCKCGRQFCFNCGENWHDPVKCKWLKKWIKKC
DDDSETSNWIAANTKECPKCHVTIEKDGGCNHMVCRNQNCKAEFCWVCLGPWEPHGSAWYNCNRYNEDDAKAARDAQERS
RAALQRYLFYCNRYMNHMQSLRFEHKLYAQVKQKMEEMQQHNMSWIEVQFLKKAVDVLCQCRATLMYTYVFAFYLKKNNQ
SIIFENNQADLENATEVLSGYLERDISQDSLQDIKQKVQDKYRYCESRRRVLLQHVHEGYEKDLWEYIED
;
A,B
2 'polypeptide(L)'
;GSMAASRRLMKELEEIRKCGMKNFRNIQVDEANLLTWQGLIVPDNPPYDKGAFRIEINFPAEYPFKPPKITFKTKIYHPN
IDEKGQVKLPVISAENWKPATKTDQVIQSLIALVNDPQPEHPLRADLAEEYSKDRKKFCKNAEEFTKKYGEKRPVD
;
C,D
3 'polypeptide(L)'
;HHHHHHMQIFVKTLTGKTITLEVEPSDTIENVKAKIQDKEGIPPDQQRLIFAGKQLEDGRTLSDYNIQKESTLHLVLRLR
GG
;
E
#
# COMPACT_ATOMS: atom_id res chain seq x y z
N ASP A 11 -14.14 -33.05 9.17
CA ASP A 11 -13.80 -31.59 9.00
C ASP A 11 -12.44 -31.23 9.66
N TYR A 12 -11.89 -30.07 9.32
CA TYR A 12 -10.79 -29.48 10.05
C TYR A 12 -11.11 -28.02 10.26
N ARG A 13 -11.76 -27.74 11.39
CA ARG A 13 -12.16 -26.39 11.77
C ARG A 13 -10.96 -25.50 12.16
N TYR A 14 -11.09 -24.21 11.83
CA TYR A 14 -10.21 -23.14 12.29
C TYR A 14 -10.83 -21.77 12.09
N GLU A 15 -10.11 -20.73 12.51
CA GLU A 15 -10.67 -19.40 12.67
C GLU A 15 -9.55 -18.43 12.36
N VAL A 16 -9.88 -17.29 11.76
CA VAL A 16 -8.86 -16.28 11.52
C VAL A 16 -9.06 -15.03 12.37
N LEU A 17 -7.98 -14.63 13.03
CA LEU A 17 -7.94 -13.44 13.86
C LEU A 17 -6.96 -12.46 13.25
N THR A 18 -7.19 -11.17 13.47
CA THR A 18 -6.26 -10.11 13.04
C THR A 18 -5.19 -9.84 14.07
N ALA A 19 -4.09 -9.23 13.63
CA ALA A 19 -3.02 -8.84 14.56
C ALA A 19 -3.52 -7.88 15.67
N GLU A 20 -4.58 -7.12 15.36
CA GLU A 20 -5.28 -6.33 16.36
C GLU A 20 -5.78 -7.25 17.47
N GLN A 21 -6.55 -8.28 17.11
CA GLN A 21 -7.15 -9.22 18.09
C GLN A 21 -6.12 -10.05 18.85
N ILE A 22 -5.07 -10.47 18.15
CA ILE A 22 -4.02 -11.29 18.73
C ILE A 22 -3.12 -10.42 19.63
N LEU A 23 -3.18 -9.10 19.50
CA LEU A 23 -2.55 -8.17 20.46
C LEU A 23 -3.40 -8.05 21.74
N GLN A 24 -4.70 -7.85 21.60
CA GLN A 24 -5.61 -7.77 22.77
C GLN A 24 -5.46 -9.04 23.63
N HIS A 25 -5.32 -10.19 22.98
CA HIS A 25 -5.06 -11.45 23.66
C HIS A 25 -3.80 -11.38 24.51
N MET A 26 -2.70 -10.90 23.92
CA MET A 26 -1.44 -10.75 24.63
C MET A 26 -1.55 -9.71 25.74
N VAL A 27 -2.08 -8.52 25.44
CA VAL A 27 -2.17 -7.43 26.42
C VAL A 27 -2.92 -7.87 27.68
N GLU A 28 -3.97 -8.67 27.50
CA GLU A 28 -4.69 -9.30 28.62
C GLU A 28 -3.82 -10.32 29.39
N CYS A 29 -3.04 -11.10 28.65
CA CYS A 29 -2.11 -12.08 29.24
C CYS A 29 -0.97 -11.39 30.01
N ILE A 30 -0.57 -10.22 29.53
CA ILE A 30 0.37 -9.35 30.23
C ILE A 30 -0.28 -8.87 31.53
N ARG A 31 -1.36 -8.12 31.41
CA ARG A 31 -1.98 -7.43 32.56
C ARG A 31 -2.57 -8.36 33.65
N GLU A 32 -2.60 -9.67 33.41
CA GLU A 32 -2.87 -10.66 34.50
C GLU A 32 -1.58 -11.04 35.25
N VAL A 33 -0.43 -11.03 34.57
CA VAL A 33 0.88 -11.08 35.26
C VAL A 33 1.23 -9.72 35.87
N ASN A 34 0.93 -8.65 35.14
CA ASN A 34 1.39 -7.30 35.50
C ASN A 34 0.77 -6.69 36.76
N GLU A 35 -0.41 -7.18 37.14
CA GLU A 35 -1.00 -6.85 38.46
C GLU A 35 -0.28 -7.55 39.64
N VAL A 36 0.30 -8.72 39.40
CA VAL A 36 1.09 -9.42 40.40
C VAL A 36 2.45 -8.74 40.55
N ILE A 37 3.17 -8.54 39.43
CA ILE A 37 4.55 -8.02 39.46
C ILE A 37 4.72 -6.49 39.31
N GLN A 38 3.66 -5.79 38.92
CA GLN A 38 3.64 -4.31 38.87
C GLN A 38 4.72 -3.64 38.03
N ASN A 39 5.27 -4.36 37.04
CA ASN A 39 6.21 -3.78 36.08
C ASN A 39 5.45 -2.96 35.04
N PRO A 40 6.16 -2.13 34.26
CA PRO A 40 5.44 -1.49 33.15
C PRO A 40 5.05 -2.53 32.09
N ALA A 41 4.00 -2.21 31.33
CA ALA A 41 3.38 -3.16 30.40
C ALA A 41 4.36 -3.70 29.36
N THR A 42 5.24 -2.82 28.91
CA THR A 42 6.22 -3.16 27.87
C THR A 42 7.36 -4.08 28.36
N ILE A 43 7.77 -4.00 29.62
CA ILE A 43 8.89 -4.83 30.13
C ILE A 43 8.41 -6.26 30.42
N THR A 44 7.23 -6.37 31.07
CA THR A 44 6.56 -7.64 31.31
C THR A 44 6.47 -8.49 30.04
N ARG A 45 6.14 -7.84 28.92
CA ARG A 45 6.15 -8.48 27.60
C ARG A 45 7.50 -9.11 27.26
N ILE A 46 8.57 -8.34 27.48
CA ILE A 46 9.93 -8.81 27.19
C ILE A 46 10.33 -9.90 28.15
N LEU A 47 9.88 -9.77 29.41
CA LEU A 47 10.10 -10.82 30.39
C LEU A 47 9.38 -12.10 29.94
N LEU A 48 8.07 -11.99 29.76
CA LEU A 48 7.24 -13.13 29.39
C LEU A 48 7.70 -13.80 28.09
N SER A 49 8.14 -12.98 27.13
CA SER A 49 8.73 -13.48 25.90
C SER A 49 9.94 -14.34 26.21
N HIS A 50 10.81 -13.86 27.11
CA HIS A 50 12.05 -14.60 27.45
C HIS A 50 11.80 -15.97 28.07
N PHE A 51 10.74 -16.08 28.88
CA PHE A 51 10.33 -17.36 29.46
C PHE A 51 9.28 -18.11 28.62
N ASN A 52 9.21 -17.80 27.32
CA ASN A 52 8.26 -18.44 26.41
C ASN A 52 6.80 -18.51 26.94
N TRP A 53 6.37 -17.42 27.55
CA TRP A 53 5.00 -17.23 28.02
C TRP A 53 4.54 -18.34 28.99
N ASP A 54 5.49 -18.79 29.81
CA ASP A 54 5.20 -19.60 30.98
C ASP A 54 5.13 -18.61 32.14
N LYS A 55 3.92 -18.30 32.60
CA LYS A 55 3.76 -17.39 33.73
C LYS A 55 4.39 -17.92 35.03
N GLU A 56 4.60 -19.24 35.12
CA GLU A 56 5.24 -19.86 36.28
C GLU A 56 6.76 -19.68 36.26
N LYS A 57 7.46 -20.22 35.24
CA LYS A 57 8.93 -20.06 35.17
C LYS A 57 9.41 -18.58 35.15
N LEU A 58 8.46 -17.64 35.00
CA LEU A 58 8.64 -16.20 35.28
C LEU A 58 8.57 -15.86 36.76
N MET A 59 7.56 -16.36 37.48
CA MET A 59 7.48 -16.12 38.94
C MET A 59 8.59 -16.87 39.73
N GLU A 60 8.92 -18.10 39.31
CA GLU A 60 10.07 -18.87 39.87
C GLU A 60 11.46 -18.30 39.50
N ARG A 61 11.49 -17.16 38.82
CA ARG A 61 12.70 -16.37 38.68
C ARG A 61 12.57 -14.92 39.14
N TYR A 62 11.36 -14.35 39.04
CA TYR A 62 11.13 -12.96 39.43
C TYR A 62 11.08 -12.74 40.95
N PHE A 63 11.19 -13.82 41.73
CA PHE A 63 11.50 -13.70 43.18
C PHE A 63 12.75 -14.49 43.58
N ASP A 64 12.90 -15.71 43.05
CA ASP A 64 14.05 -16.57 43.30
C ASP A 64 15.36 -15.81 43.30
N GLY A 65 15.74 -15.25 42.16
CA GLY A 65 17.02 -14.59 42.01
C GLY A 65 16.96 -13.09 42.26
N ASN A 66 18.13 -12.47 42.13
CA ASN A 66 18.25 -11.03 42.07
C ASN A 66 17.80 -10.59 40.68
N LEU A 67 16.81 -9.70 40.64
CA LEU A 67 16.22 -9.20 39.39
C LEU A 67 17.22 -8.63 38.39
N GLU A 68 18.35 -8.11 38.87
CA GLU A 68 19.36 -7.53 37.98
C GLU A 68 19.86 -8.55 36.97
N LYS A 69 20.18 -9.76 37.43
CA LYS A 69 20.65 -10.85 36.54
C LYS A 69 19.53 -11.24 35.59
N LEU A 70 18.30 -11.31 36.11
CA LEU A 70 17.11 -11.55 35.28
C LEU A 70 16.98 -10.47 34.21
N PHE A 71 16.73 -9.23 34.63
CA PHE A 71 16.67 -8.08 33.72
C PHE A 71 17.85 -7.96 32.74
N ALA A 72 19.03 -8.43 33.14
CA ALA A 72 20.20 -8.49 32.25
C ALA A 72 20.10 -9.64 31.25
N GLU A 73 19.60 -10.79 31.70
CA GLU A 73 19.39 -11.93 30.80
C GLU A 73 18.40 -11.61 29.67
N CYS A 74 17.30 -10.93 30.01
CA CYS A 74 16.25 -10.57 29.05
C CYS A 74 16.70 -9.49 28.04
N HIS A 75 17.05 -8.30 28.52
CA HIS A 75 17.66 -7.29 27.65
C HIS A 75 19.04 -7.82 27.24
N ALA A 94 19.57 23.68 27.30
CA ALA A 94 19.24 23.69 25.88
C ALA A 94 17.76 23.34 25.62
N GLN A 95 16.95 24.34 25.27
CA GLN A 95 15.50 24.15 24.95
C GLN A 95 15.05 24.86 23.65
N ASP A 96 15.54 26.08 23.39
CA ASP A 96 15.33 26.80 22.11
C ASP A 96 16.36 26.44 21.03
N MET A 97 16.53 25.13 20.84
CA MET A 97 17.53 24.55 19.95
C MET A 97 16.79 23.88 18.79
N PRO A 98 17.50 23.65 17.68
CA PRO A 98 16.89 22.80 16.64
C PRO A 98 16.83 21.31 17.02
N CYS A 99 16.13 20.55 16.19
CA CYS A 99 16.06 19.12 16.34
C CYS A 99 17.38 18.49 15.95
N GLN A 100 17.93 17.63 16.82
CA GLN A 100 19.24 17.01 16.57
C GLN A 100 19.29 15.90 15.49
N ILE A 101 18.14 15.53 14.91
CA ILE A 101 18.14 14.56 13.80
C ILE A 101 18.03 15.28 12.46
N CYS A 102 17.05 16.19 12.30
CA CYS A 102 16.84 16.90 11.01
C CYS A 102 17.42 18.31 10.92
N TYR A 103 17.74 18.92 12.05
CA TYR A 103 18.42 20.24 12.11
C TYR A 103 17.51 21.45 11.86
N LEU A 104 16.21 21.21 11.66
CA LEU A 104 15.22 22.27 11.49
C LEU A 104 14.72 22.71 12.86
N ASN A 105 14.27 23.97 12.94
CA ASN A 105 13.68 24.56 14.15
C ASN A 105 12.15 24.46 14.16
N TYR A 106 11.60 24.11 15.32
CA TYR A 106 10.15 24.10 15.55
C TYR A 106 9.82 24.67 16.93
N PRO A 107 8.56 25.08 17.15
CA PRO A 107 8.07 25.31 18.51
C PRO A 107 8.28 24.11 19.43
N ASN A 108 8.70 24.37 20.66
CA ASN A 108 8.86 23.33 21.69
C ASN A 108 7.69 22.33 21.75
N SER A 109 6.48 22.80 21.43
CA SER A 109 5.29 21.96 21.33
C SER A 109 5.47 20.67 20.52
N TYR A 110 6.23 20.74 19.43
CA TYR A 110 6.38 19.60 18.51
C TYR A 110 7.48 18.58 18.87
N PHE A 111 8.30 18.92 19.87
CA PHE A 111 9.38 18.04 20.34
C PHE A 111 8.88 17.05 21.39
N THR A 112 8.71 15.79 21.01
CA THR A 112 8.44 14.69 21.94
C THR A 112 9.75 14.08 22.40
N GLY A 113 9.72 13.49 23.58
CA GLY A 113 10.88 12.79 24.12
C GLY A 113 10.50 11.53 24.87
N LEU A 114 11.54 10.79 25.25
CA LEU A 114 11.40 9.63 26.10
C LEU A 114 11.78 9.99 27.54
N GLU A 115 11.93 8.98 28.40
CA GLU A 115 12.26 9.18 29.82
C GLU A 115 13.69 9.66 30.05
N CYS A 116 14.56 9.47 29.07
CA CYS A 116 15.93 10.01 29.07
C CYS A 116 16.06 11.52 28.94
N GLY A 117 14.99 12.19 28.52
CA GLY A 117 15.02 13.62 28.25
C GLY A 117 15.60 14.02 26.91
N HIS A 118 15.91 13.03 26.07
CA HIS A 118 16.31 13.30 24.69
C HIS A 118 15.04 13.62 23.94
N LYS A 119 15.01 14.78 23.29
CA LYS A 119 13.82 15.23 22.54
C LYS A 119 14.12 15.42 21.06
N PHE A 120 13.13 15.09 20.25
CA PHE A 120 13.24 15.21 18.80
C PHE A 120 11.89 15.59 18.21
N CYS A 121 11.93 16.20 17.03
CA CYS A 121 10.71 16.65 16.37
C CYS A 121 9.80 15.48 16.06
N MET A 122 8.50 15.71 16.18
CA MET A 122 7.52 14.61 16.12
C MET A 122 7.46 13.88 14.77
N GLN A 123 8.12 14.43 13.76
CA GLN A 123 8.25 13.79 12.45
C GLN A 123 9.45 12.86 12.38
N CYS A 124 10.58 13.27 12.96
CA CYS A 124 11.77 12.42 13.02
C CYS A 124 11.51 11.16 13.81
N TRP A 125 10.73 11.30 14.88
CA TRP A 125 10.21 10.14 15.60
C TRP A 125 9.50 9.21 14.64
N SER A 126 8.48 9.77 13.96
CA SER A 126 7.67 8.97 13.03
C SER A 126 8.54 8.35 11.91
N GLU A 127 9.55 9.07 11.44
CA GLU A 127 10.44 8.53 10.40
C GLU A 127 11.39 7.49 10.94
N TYR A 128 11.88 7.70 12.17
CA TYR A 128 12.80 6.77 12.81
C TYR A 128 12.08 5.48 13.13
N LEU A 129 11.02 5.59 13.94
CA LEU A 129 10.19 4.44 14.28
C LEU A 129 9.87 3.61 13.05
N THR A 130 9.32 4.27 12.04
CA THR A 130 8.84 3.61 10.82
C THR A 130 9.92 2.81 10.12
N THR A 131 11.10 3.41 9.97
CA THR A 131 12.20 2.71 9.28
C THR A 131 12.84 1.68 10.19
N LYS A 132 12.64 1.81 11.50
CA LYS A 132 13.14 0.82 12.43
C LYS A 132 12.30 -0.43 12.43
N ILE A 133 11.00 -0.30 12.10
CA ILE A 133 10.12 -1.48 12.06
C ILE A 133 10.11 -2.19 10.70
N MET A 134 11.14 -1.95 9.87
CA MET A 134 11.36 -2.70 8.61
C MET A 134 12.64 -3.60 8.61
N GLU A 135 12.41 -4.84 8.19
CA GLU A 135 13.05 -6.11 8.67
C GLU A 135 14.46 -6.14 9.28
N GLU A 136 15.44 -5.60 8.57
CA GLU A 136 16.85 -5.92 8.80
C GLU A 136 17.45 -5.33 10.10
N GLY A 137 17.38 -6.09 11.19
CA GLY A 137 17.89 -5.68 12.51
C GLY A 137 16.84 -5.43 13.58
N MET A 138 15.57 -5.70 13.27
CA MET A 138 14.50 -5.62 14.25
C MET A 138 14.57 -6.83 15.16
N GLY A 139 14.45 -6.58 16.46
CA GLY A 139 14.29 -7.63 17.46
C GLY A 139 12.84 -7.55 17.86
N GLN A 140 12.58 -7.15 19.09
CA GLN A 140 11.23 -6.81 19.47
C GLN A 140 11.12 -5.64 20.44
N THR A 141 12.09 -4.72 20.38
CA THR A 141 12.02 -3.42 21.05
C THR A 141 12.80 -2.43 20.21
N ILE A 142 12.38 -1.18 20.25
CA ILE A 142 13.10 -0.07 19.62
C ILE A 142 13.51 0.86 20.72
N SER A 143 14.76 1.31 20.68
CA SER A 143 15.26 2.28 21.64
C SER A 143 15.25 3.71 21.09
N CYS A 144 15.42 4.65 22.00
CA CYS A 144 15.53 6.09 21.71
C CYS A 144 16.51 6.38 20.57
N PRO A 145 16.22 7.40 19.73
CA PRO A 145 17.10 7.69 18.60
C PRO A 145 18.37 8.42 18.96
N ALA A 146 18.56 8.78 20.22
CA ALA A 146 19.75 9.53 20.61
C ALA A 146 21.03 8.73 20.35
N HIS A 147 22.14 9.44 20.14
CA HIS A 147 23.45 8.78 20.13
C HIS A 147 23.72 8.22 21.51
N GLY A 148 24.22 7.01 21.55
CA GLY A 148 24.63 6.42 22.81
C GLY A 148 23.50 5.68 23.50
N CYS A 149 22.48 6.40 23.97
CA CYS A 149 21.49 5.81 24.90
C CYS A 149 20.62 4.74 24.24
N ASP A 150 20.16 3.79 25.08
CA ASP A 150 19.32 2.67 24.66
C ASP A 150 18.12 2.44 25.59
N ILE A 151 17.51 3.52 26.04
CA ILE A 151 16.25 3.47 26.80
C ILE A 151 15.12 3.10 25.85
N LEU A 152 14.48 1.96 26.06
CA LEU A 152 13.48 1.47 25.10
C LEU A 152 12.23 2.34 25.04
N VAL A 153 11.69 2.44 23.83
CA VAL A 153 10.42 3.11 23.54
C VAL A 153 9.35 2.08 23.86
N ASP A 154 8.48 2.43 24.79
CA ASP A 154 7.42 1.53 25.26
C ASP A 154 6.40 1.30 24.16
N ASP A 155 5.89 0.07 24.07
CA ASP A 155 5.02 -0.36 22.99
C ASP A 155 3.94 0.66 22.66
N ASN A 156 3.25 1.13 23.70
CA ASN A 156 2.12 2.03 23.51
C ASN A 156 2.46 3.40 22.91
N THR A 157 3.66 3.94 23.17
CA THR A 157 4.08 5.21 22.50
C THR A 157 4.68 5.00 21.08
N VAL A 158 4.91 3.75 20.66
CA VAL A 158 5.27 3.49 19.29
C VAL A 158 4.01 3.69 18.47
N MET A 159 2.90 3.11 18.93
CA MET A 159 1.62 3.18 18.20
C MET A 159 1.16 4.62 18.09
N ARG A 160 1.43 5.40 19.14
CA ARG A 160 1.00 6.80 19.22
C ARG A 160 1.79 7.74 18.30
N LEU A 161 3.03 7.41 17.97
CA LEU A 161 3.90 8.28 17.16
C LEU A 161 3.94 7.93 15.67
N ILE A 162 3.79 6.65 15.32
CA ILE A 162 3.65 6.26 13.91
C ILE A 162 2.20 6.36 13.51
N THR A 163 1.98 6.66 12.22
CA THR A 163 0.69 7.12 11.70
C THR A 163 -0.04 6.04 10.88
N ASP A 164 0.56 5.65 9.76
CA ASP A 164 -0.11 4.80 8.75
C ASP A 164 -0.38 3.39 9.23
N SER A 165 -1.65 3.00 9.24
CA SER A 165 -2.05 1.67 9.72
C SER A 165 -1.36 0.48 9.04
N LYS A 166 -0.74 0.70 7.88
CA LYS A 166 0.08 -0.35 7.26
C LYS A 166 1.32 -0.67 8.14
N VAL A 167 2.08 0.35 8.49
CA VAL A 167 3.27 0.23 9.36
C VAL A 167 2.86 -0.28 10.73
N LYS A 168 1.93 0.42 11.38
CA LYS A 168 1.37 0.05 12.69
C LYS A 168 1.10 -1.45 12.78
N LEU A 169 0.45 -2.01 11.76
CA LEU A 169 0.20 -3.44 11.69
C LEU A 169 1.48 -4.24 11.83
N LYS A 170 2.52 -3.86 11.09
CA LYS A 170 3.81 -4.57 11.16
C LYS A 170 4.40 -4.60 12.56
N TYR A 171 4.32 -3.48 13.27
CA TYR A 171 4.82 -3.40 14.64
C TYR A 171 4.08 -4.41 15.50
N GLN A 172 2.75 -4.38 15.43
CA GLN A 172 1.89 -5.33 16.14
C GLN A 172 2.34 -6.74 15.85
N HIS A 173 2.63 -7.02 14.58
CA HIS A 173 3.11 -8.32 14.21
C HIS A 173 4.36 -8.68 15.00
N LEU A 174 5.31 -7.75 15.04
CA LEU A 174 6.65 -8.03 15.62
C LEU A 174 6.67 -8.24 17.13
N ILE A 175 5.91 -7.44 17.86
CA ILE A 175 5.81 -7.59 19.31
C ILE A 175 4.97 -8.81 19.70
N THR A 176 4.06 -9.22 18.82
CA THR A 176 3.23 -10.38 19.08
C THR A 176 3.81 -11.70 18.53
N ASN A 177 4.91 -11.66 17.78
CA ASN A 177 5.43 -12.87 17.15
C ASN A 177 5.83 -13.91 18.18
N SER A 178 6.50 -13.47 19.24
CA SER A 178 6.87 -14.35 20.33
C SER A 178 5.65 -15.08 20.86
N PHE A 179 4.64 -14.29 21.23
CA PHE A 179 3.34 -14.78 21.78
C PHE A 179 2.65 -15.84 20.92
N VAL A 180 2.76 -15.67 19.60
CA VAL A 180 2.13 -16.54 18.60
C VAL A 180 3.02 -17.75 18.27
N GLU A 181 4.35 -17.58 18.36
CA GLU A 181 5.28 -18.72 18.22
C GLU A 181 5.18 -19.66 19.42
N CYS A 182 5.16 -19.09 20.61
CA CYS A 182 5.06 -19.87 21.82
C CYS A 182 3.71 -20.63 21.97
N ASN A 183 2.68 -20.19 21.24
CA ASN A 183 1.40 -20.90 21.13
C ASN A 183 1.30 -21.78 19.89
N ARG A 184 1.02 -23.06 20.13
CA ARG A 184 1.10 -24.07 19.09
C ARG A 184 -0.16 -24.18 18.25
N LEU A 185 -1.21 -23.43 18.60
CA LEU A 185 -2.47 -23.40 17.83
C LEU A 185 -2.64 -22.14 17.02
N LEU A 186 -1.61 -21.31 16.95
CA LEU A 186 -1.64 -20.13 16.10
C LEU A 186 -0.42 -20.13 15.22
N LYS A 187 -0.63 -19.81 13.95
CA LYS A 187 0.44 -19.55 12.99
C LYS A 187 0.06 -18.26 12.29
N TRP A 188 1.05 -17.52 11.81
CA TRP A 188 0.77 -16.32 11.02
C TRP A 188 0.52 -16.72 9.57
N CYS A 189 -0.25 -15.88 8.86
CA CYS A 189 -0.39 -16.01 7.43
C CYS A 189 0.96 -15.67 6.80
N PRO A 190 1.43 -16.49 5.86
CA PRO A 190 2.72 -16.22 5.22
C PRO A 190 2.76 -15.02 4.26
N ALA A 191 1.59 -14.56 3.79
CA ALA A 191 1.53 -13.43 2.88
C ALA A 191 2.20 -12.20 3.51
N PRO A 192 3.12 -11.53 2.78
CA PRO A 192 4.04 -10.55 3.37
C PRO A 192 3.43 -9.36 4.11
N ASP A 193 2.34 -8.80 3.60
CA ASP A 193 1.69 -7.65 4.26
C ASP A 193 0.38 -7.97 4.95
N CYS A 194 0.04 -9.26 4.99
CA CYS A 194 -1.08 -9.73 5.80
C CYS A 194 -0.52 -10.10 7.15
N HIS A 195 -1.11 -9.53 8.19
CA HIS A 195 -0.78 -9.91 9.56
C HIS A 195 -2.06 -10.38 10.21
N HIS A 196 -2.40 -11.63 9.90
CA HIS A 196 -3.58 -12.29 10.46
C HIS A 196 -3.05 -13.61 10.98
N VAL A 197 -3.75 -14.21 11.93
CA VAL A 197 -3.37 -15.53 12.40
C VAL A 197 -4.51 -16.51 12.25
N VAL A 198 -4.15 -17.71 11.80
CA VAL A 198 -5.07 -18.82 11.79
C VAL A 198 -5.00 -19.44 13.18
N LYS A 199 -6.15 -19.73 13.77
CA LYS A 199 -6.22 -20.41 15.06
C LYS A 199 -6.95 -21.72 14.91
N VAL A 200 -6.36 -22.79 15.42
CA VAL A 200 -6.87 -24.11 15.19
C VAL A 200 -7.28 -24.80 16.49
N GLN A 201 -7.92 -25.96 16.36
CA GLN A 201 -8.26 -26.81 17.51
C GLN A 201 -7.17 -27.85 17.78
N TYR A 202 -6.53 -28.31 16.70
CA TYR A 202 -5.28 -29.05 16.85
C TYR A 202 -4.40 -28.74 15.65
N PRO A 203 -3.08 -28.85 15.83
CA PRO A 203 -2.20 -28.80 14.66
C PRO A 203 -2.34 -30.08 13.86
N ASP A 204 -2.39 -30.00 12.52
CA ASP A 204 -2.53 -31.23 11.73
C ASP A 204 -1.79 -31.38 10.41
N ALA A 205 -1.24 -30.31 9.84
CA ALA A 205 -0.67 -30.36 8.46
C ALA A 205 -1.76 -30.63 7.42
N LYS A 206 -2.87 -29.93 7.63
CA LYS A 206 -3.97 -29.83 6.70
C LYS A 206 -3.84 -28.44 6.11
N PRO A 207 -4.75 -28.05 5.20
CA PRO A 207 -4.62 -26.72 4.62
C PRO A 207 -5.62 -25.70 5.18
N VAL A 208 -5.12 -24.51 5.52
CA VAL A 208 -5.94 -23.43 6.10
C VAL A 208 -5.85 -22.23 5.17
N ARG A 209 -6.83 -21.33 5.26
CA ARG A 209 -7.04 -20.27 4.28
C ARG A 209 -7.26 -18.92 5.00
N CYS A 210 -6.47 -17.92 4.63
CA CYS A 210 -6.30 -16.77 5.50
C CYS A 210 -7.42 -15.77 5.54
N LYS A 211 -8.16 -15.58 4.45
CA LYS A 211 -9.06 -14.39 4.28
C LYS A 211 -8.38 -13.17 3.66
N CYS A 212 -7.08 -13.26 3.34
CA CYS A 212 -6.53 -12.51 2.22
C CYS A 212 -6.58 -13.40 0.97
N GLY A 213 -6.84 -14.69 1.18
CA GLY A 213 -6.94 -15.66 0.11
C GLY A 213 -5.89 -16.73 0.24
N ARG A 214 -4.77 -16.37 0.85
CA ARG A 214 -3.63 -17.28 0.90
C ARG A 214 -3.93 -18.59 1.62
N GLN A 215 -3.68 -19.68 0.93
CA GLN A 215 -3.88 -21.01 1.48
C GLN A 215 -2.52 -21.60 1.84
N PHE A 216 -2.34 -21.94 3.12
CA PHE A 216 -1.07 -22.49 3.58
C PHE A 216 -1.25 -23.70 4.46
N CYS A 217 -0.13 -24.42 4.62
CA CYS A 217 -0.01 -25.56 5.50
C CYS A 217 0.14 -25.02 6.89
N PHE A 218 -0.74 -25.42 7.78
CA PHE A 218 -0.73 -24.94 9.14
C PHE A 218 0.46 -25.45 9.92
N ASN A 219 0.86 -26.69 9.69
CA ASN A 219 1.96 -27.28 10.46
C ASN A 219 3.31 -26.63 10.22
N CYS A 220 3.69 -26.52 8.94
CA CYS A 220 5.02 -26.07 8.53
C CYS A 220 5.08 -24.61 8.09
N GLY A 221 3.93 -23.99 7.86
CA GLY A 221 3.87 -22.58 7.49
C GLY A 221 4.08 -22.24 6.02
N GLU A 222 4.62 -23.17 5.22
CA GLU A 222 4.86 -22.90 3.78
C GLU A 222 3.55 -22.99 3.00
N ASN A 223 3.60 -22.66 1.71
CA ASN A 223 2.44 -22.83 0.82
C ASN A 223 1.99 -24.29 0.68
N TRP A 224 0.69 -24.48 0.47
CA TRP A 224 0.08 -25.83 0.43
C TRP A 224 0.71 -26.73 -0.64
N HIS A 225 1.02 -27.97 -0.29
CA HIS A 225 2.00 -28.77 -1.04
C HIS A 225 1.61 -30.27 -1.17
N ASP A 226 0.39 -30.51 -1.67
CA ASP A 226 -0.40 -31.68 -1.28
C ASP A 226 0.32 -33.02 -1.27
N PRO A 227 1.01 -33.39 -2.38
CA PRO A 227 1.58 -34.75 -2.41
C PRO A 227 2.76 -34.93 -1.45
N VAL A 228 3.64 -33.92 -1.34
CA VAL A 228 4.87 -34.02 -0.53
C VAL A 228 4.62 -33.72 0.94
N LYS A 229 5.30 -34.46 1.83
CA LYS A 229 5.16 -34.30 3.29
C LYS A 229 6.01 -33.11 3.74
N CYS A 230 5.63 -32.46 4.84
CA CYS A 230 6.29 -31.19 5.28
C CYS A 230 7.81 -31.33 5.51
N LYS A 231 8.20 -32.46 6.14
CA LYS A 231 9.61 -32.81 6.42
C LYS A 231 10.47 -32.72 5.18
N TRP A 232 10.05 -33.42 4.15
CA TRP A 232 10.76 -33.46 2.89
C TRP A 232 10.73 -32.14 2.15
N LEU A 233 9.78 -31.28 2.46
CA LEU A 233 9.80 -29.94 1.91
C LEU A 233 10.83 -29.09 2.62
N LYS A 234 10.89 -29.16 3.97
CA LYS A 234 11.92 -28.41 4.73
C LYS A 234 13.29 -28.76 4.17
N LYS A 235 13.60 -30.05 4.14
CA LYS A 235 14.87 -30.53 3.57
C LYS A 235 15.15 -30.00 2.16
N TRP A 236 14.11 -29.86 1.35
CA TRP A 236 14.21 -29.36 -0.03
C TRP A 236 14.30 -27.83 -0.16
N ILE A 237 14.01 -27.08 0.90
CA ILE A 237 14.14 -25.60 0.88
C ILE A 237 15.56 -25.21 1.30
N LYS A 238 16.11 -25.89 2.31
CA LYS A 238 17.51 -25.70 2.73
C LYS A 238 18.46 -26.11 1.61
N LYS A 239 18.30 -27.33 1.10
CA LYS A 239 19.13 -27.84 -0.01
C LYS A 239 19.00 -27.05 -1.30
N CYS A 240 17.89 -26.33 -1.48
CA CYS A 240 17.65 -25.52 -2.69
C CYS A 240 17.93 -24.03 -2.48
N ASP A 241 18.28 -23.61 -1.27
CA ASP A 241 18.46 -22.18 -0.95
C ASP A 241 19.67 -21.58 -1.64
N ASP A 242 20.78 -22.31 -1.64
CA ASP A 242 22.01 -21.90 -2.33
C ASP A 242 21.92 -22.21 -3.83
N ALA A 252 18.27 -21.25 -15.66
CA ALA A 252 18.39 -20.57 -16.95
C ALA A 252 17.10 -19.81 -17.29
N ASN A 253 17.20 -18.48 -17.31
CA ASN A 253 16.08 -17.61 -17.70
C ASN A 253 15.77 -17.72 -19.20
N THR A 254 16.82 -17.67 -20.00
CA THR A 254 16.73 -17.84 -21.45
C THR A 254 17.38 -19.16 -21.91
N LYS A 255 17.02 -19.60 -23.12
CA LYS A 255 17.65 -20.77 -23.76
C LYS A 255 17.43 -20.70 -25.27
N GLU A 256 18.25 -21.48 -25.99
CA GLU A 256 18.29 -21.47 -27.47
C GLU A 256 17.45 -22.59 -28.09
N CYS A 257 16.75 -22.25 -29.18
CA CYS A 257 16.00 -23.23 -29.98
C CYS A 257 16.89 -24.44 -30.31
N PRO A 258 16.34 -25.66 -30.21
CA PRO A 258 17.15 -26.82 -30.61
C PRO A 258 17.52 -26.85 -32.10
N LYS A 259 16.58 -26.45 -32.97
CA LYS A 259 16.81 -26.48 -34.42
C LYS A 259 17.60 -25.26 -34.93
N CYS A 260 17.03 -24.06 -34.79
CA CYS A 260 17.61 -22.83 -35.38
C CYS A 260 18.45 -21.97 -34.44
N HIS A 261 18.55 -22.34 -33.17
CA HIS A 261 19.43 -21.66 -32.17
C HIS A 261 19.22 -20.14 -31.93
N VAL A 262 18.06 -19.60 -32.33
CA VAL A 262 17.72 -18.19 -32.09
C VAL A 262 17.32 -18.08 -30.62
N THR A 263 17.91 -17.14 -29.90
CA THR A 263 17.69 -17.01 -28.45
C THR A 263 16.20 -16.77 -28.17
N ILE A 264 15.61 -17.64 -27.35
CA ILE A 264 14.21 -17.57 -26.94
C ILE A 264 14.17 -17.22 -25.45
N GLU A 265 13.70 -16.02 -25.13
CA GLU A 265 13.30 -15.67 -23.79
C GLU A 265 11.92 -16.29 -23.60
N LYS A 266 11.68 -16.86 -22.42
CA LYS A 266 10.38 -17.42 -22.08
C LYS A 266 9.43 -16.30 -21.66
N ASP A 267 8.29 -16.19 -22.35
CA ASP A 267 7.23 -15.23 -22.00
C ASP A 267 5.85 -15.91 -21.91
N GLY A 268 5.57 -16.48 -20.73
CA GLY A 268 4.42 -17.37 -20.52
C GLY A 268 4.89 -18.68 -19.88
N GLY A 269 4.04 -19.26 -19.04
CA GLY A 269 4.43 -20.44 -18.26
C GLY A 269 4.39 -21.76 -18.99
N CYS A 270 3.63 -21.81 -20.09
CA CYS A 270 3.47 -23.03 -20.88
C CYS A 270 4.81 -23.48 -21.43
N ASN A 271 5.02 -24.81 -21.50
CA ASN A 271 6.29 -25.42 -21.97
C ASN A 271 6.24 -25.99 -23.38
N HIS A 272 5.04 -26.16 -23.92
CA HIS A 272 4.84 -26.40 -25.35
C HIS A 272 5.33 -25.15 -26.12
N MET A 273 6.62 -25.15 -26.48
CA MET A 273 7.23 -24.04 -27.21
C MET A 273 7.15 -24.22 -28.72
N VAL A 274 6.41 -23.33 -29.37
CA VAL A 274 6.42 -23.18 -30.83
C VAL A 274 7.43 -22.07 -31.20
N CYS A 275 8.28 -22.32 -32.18
CA CYS A 275 9.43 -21.45 -32.49
C CYS A 275 9.04 -20.24 -33.34
N ARG A 276 9.22 -19.04 -32.77
CA ARG A 276 8.87 -17.79 -33.43
C ARG A 276 9.90 -17.45 -34.52
N ASN A 277 9.74 -18.08 -35.67
CA ASN A 277 10.67 -17.97 -36.80
C ASN A 277 10.00 -18.42 -38.10
N GLN A 278 10.58 -18.01 -39.24
CA GLN A 278 10.11 -18.45 -40.55
C GLN A 278 10.75 -19.79 -40.93
N ASN A 279 12.07 -19.89 -40.75
CA ASN A 279 12.86 -21.09 -41.08
C ASN A 279 12.31 -22.37 -40.43
N CYS A 280 12.20 -22.33 -39.10
CA CYS A 280 11.81 -23.49 -38.29
C CYS A 280 10.60 -23.13 -37.41
N LYS A 281 9.44 -23.65 -37.79
CA LYS A 281 8.20 -23.47 -37.03
C LYS A 281 7.88 -24.78 -36.27
N ALA A 282 8.92 -25.47 -35.80
CA ALA A 282 8.76 -26.74 -35.09
C ALA A 282 8.52 -26.54 -33.60
N GLU A 283 8.01 -27.57 -32.96
CA GLU A 283 7.53 -27.50 -31.58
C GLU A 283 8.43 -28.35 -30.69
N PHE A 284 8.69 -27.85 -29.48
CA PHE A 284 9.62 -28.50 -28.57
C PHE A 284 9.33 -28.15 -27.09
N CYS A 285 9.41 -29.16 -26.23
CA CYS A 285 9.25 -29.00 -24.79
C CYS A 285 10.45 -28.24 -24.25
N TRP A 286 10.20 -27.11 -23.60
CA TRP A 286 11.26 -26.24 -23.06
C TRP A 286 12.23 -26.90 -22.05
N VAL A 287 11.82 -27.94 -21.34
CA VAL A 287 12.62 -28.43 -20.23
C VAL A 287 13.67 -29.39 -20.74
N CYS A 288 13.22 -30.41 -21.46
CA CYS A 288 14.07 -31.45 -22.01
C CYS A 288 14.61 -31.06 -23.38
N LEU A 289 13.96 -30.08 -24.03
CA LEU A 289 14.31 -29.59 -25.39
C LEU A 289 14.17 -30.67 -26.48
N GLY A 290 13.45 -31.75 -26.16
CA GLY A 290 13.10 -32.77 -27.13
C GLY A 290 11.90 -32.27 -27.91
N PRO A 291 11.23 -33.15 -28.66
CA PRO A 291 10.11 -32.71 -29.50
C PRO A 291 8.72 -32.77 -28.86
N TRP A 292 7.81 -31.96 -29.38
CA TRP A 292 6.36 -32.10 -29.19
C TRP A 292 5.87 -32.57 -30.59
N GLU A 293 4.91 -33.50 -30.72
CA GLU A 293 4.05 -34.04 -29.66
C GLU A 293 4.16 -35.57 -29.52
N PRO A 294 5.36 -36.10 -29.21
CA PRO A 294 5.42 -37.40 -28.56
C PRO A 294 5.12 -37.28 -27.07
N HIS A 295 5.19 -36.04 -26.55
CA HIS A 295 4.67 -35.72 -25.22
C HIS A 295 3.17 -36.03 -25.17
N GLY A 296 2.70 -36.57 -24.05
CA GLY A 296 1.30 -36.97 -23.89
C GLY A 296 1.02 -38.28 -24.58
N SER A 297 1.88 -39.26 -24.32
CA SER A 297 1.77 -40.61 -24.84
C SER A 297 2.39 -41.57 -23.82
N ALA A 298 2.13 -42.85 -24.01
CA ALA A 298 2.68 -43.90 -23.13
C ALA A 298 4.17 -44.12 -23.34
N TRP A 299 4.68 -43.83 -24.55
CA TRP A 299 6.05 -44.14 -24.94
C TRP A 299 7.09 -43.13 -24.48
N TYR A 300 6.89 -41.85 -24.80
CA TYR A 300 7.84 -40.80 -24.43
C TYR A 300 7.46 -40.11 -23.13
N ASN A 301 8.38 -40.13 -22.17
CA ASN A 301 8.21 -39.49 -20.87
C ASN A 301 9.53 -38.85 -20.43
N CYS A 302 9.54 -37.51 -20.37
CA CYS A 302 10.71 -36.74 -19.95
C CYS A 302 10.71 -36.32 -18.48
N ASN A 303 9.65 -36.67 -17.75
CA ASN A 303 9.57 -36.34 -16.32
C ASN A 303 10.24 -37.37 -15.43
N ARG A 304 10.50 -38.56 -15.98
CA ARG A 304 11.23 -39.62 -15.27
C ARG A 304 12.76 -39.49 -15.55
N TYR A 305 13.58 -39.79 -14.53
CA TYR A 305 15.05 -39.68 -14.63
C TYR A 305 15.71 -40.99 -15.09
N ALA A 323 24.88 -38.48 -7.83
CA ALA A 323 23.62 -38.10 -7.19
C ALA A 323 23.33 -36.58 -7.19
N LEU A 324 24.27 -35.76 -7.66
CA LEU A 324 24.04 -34.32 -7.89
C LEU A 324 23.62 -34.01 -9.35
N GLN A 325 24.02 -34.87 -10.27
CA GLN A 325 23.44 -34.90 -11.64
C GLN A 325 21.90 -35.07 -11.59
N ARG A 326 21.46 -35.90 -10.61
CA ARG A 326 20.05 -36.20 -10.37
C ARG A 326 19.29 -35.03 -9.79
N TYR A 327 19.79 -34.46 -8.70
CA TYR A 327 19.25 -33.23 -8.12
C TYR A 327 19.03 -32.15 -9.16
N LEU A 328 20.01 -31.91 -10.02
CA LEU A 328 19.87 -30.92 -11.11
C LEU A 328 18.64 -31.21 -12.03
N PHE A 329 18.36 -32.49 -12.29
CA PHE A 329 17.18 -32.92 -13.10
C PHE A 329 15.83 -32.53 -12.47
N TYR A 330 15.69 -32.86 -11.19
CA TYR A 330 14.46 -32.64 -10.45
C TYR A 330 14.32 -31.18 -10.04
N CYS A 331 15.43 -30.55 -9.65
CA CYS A 331 15.39 -29.13 -9.34
C CYS A 331 15.07 -28.28 -10.56
N ASN A 332 15.61 -28.66 -11.71
CA ASN A 332 15.29 -27.95 -12.94
C ASN A 332 13.78 -27.90 -13.20
N ARG A 333 13.10 -29.02 -12.96
CA ARG A 333 11.67 -29.17 -13.26
C ARG A 333 10.80 -28.45 -12.24
N TYR A 334 11.23 -28.50 -10.99
CA TYR A 334 10.60 -27.75 -9.91
C TYR A 334 10.68 -26.27 -10.17
N MET A 335 11.91 -25.79 -10.31
CA MET A 335 12.15 -24.38 -10.54
C MET A 335 11.47 -23.93 -11.80
N ASN A 336 11.44 -24.77 -12.83
CA ASN A 336 10.78 -24.37 -14.05
C ASN A 336 9.28 -24.19 -13.81
N HIS A 337 8.67 -25.19 -13.18
CA HIS A 337 7.24 -25.13 -12.88
C HIS A 337 6.86 -23.95 -11.98
N MET A 338 7.76 -23.59 -11.07
CA MET A 338 7.61 -22.41 -10.22
C MET A 338 7.64 -21.13 -11.03
N GLN A 339 8.71 -20.96 -11.83
CA GLN A 339 8.81 -19.82 -12.75
C GLN A 339 7.57 -19.76 -13.63
N SER A 340 7.15 -20.92 -14.13
CA SER A 340 5.97 -21.01 -14.99
C SER A 340 4.75 -20.48 -14.26
N LEU A 341 4.64 -20.82 -12.98
CA LEU A 341 3.48 -20.44 -12.16
C LEU A 341 3.31 -18.93 -12.01
N ARG A 342 4.43 -18.21 -12.01
CA ARG A 342 4.40 -16.75 -11.96
C ARG A 342 3.77 -16.17 -13.22
N PHE A 343 4.18 -16.66 -14.39
CA PHE A 343 3.60 -16.23 -15.67
C PHE A 343 2.14 -16.63 -15.75
N GLU A 344 1.83 -17.75 -15.12
CA GLU A 344 0.47 -18.28 -15.00
C GLU A 344 -0.45 -17.32 -14.26
N HIS A 345 0.05 -16.72 -13.18
CA HIS A 345 -0.76 -15.76 -12.44
C HIS A 345 -1.13 -14.55 -13.28
N LYS A 346 -0.20 -14.03 -14.08
CA LYS A 346 -0.51 -12.88 -14.93
C LYS A 346 -1.50 -13.19 -16.09
N LEU A 347 -2.15 -14.36 -16.06
CA LEU A 347 -3.20 -14.72 -17.03
C LEU A 347 -4.56 -14.12 -16.71
N TYR A 348 -4.78 -13.64 -15.48
CA TYR A 348 -6.05 -12.95 -15.13
C TYR A 348 -6.20 -11.62 -15.91
N ALA A 349 -5.08 -10.97 -16.20
CA ALA A 349 -5.05 -9.94 -17.21
C ALA A 349 -5.54 -10.47 -18.57
N GLN A 350 -4.72 -11.28 -19.25
CA GLN A 350 -4.96 -11.67 -20.65
C GLN A 350 -6.34 -12.25 -20.91
N VAL A 351 -6.83 -13.06 -19.97
CA VAL A 351 -8.16 -13.66 -20.13
C VAL A 351 -9.29 -12.63 -20.02
N LYS A 352 -9.16 -11.66 -19.11
CA LYS A 352 -10.16 -10.60 -18.98
C LYS A 352 -10.18 -9.64 -20.20
N GLN A 353 -9.08 -9.58 -20.96
CA GLN A 353 -9.04 -8.85 -22.24
C GLN A 353 -9.89 -9.55 -23.29
N LYS A 354 -9.78 -10.88 -23.36
CA LYS A 354 -10.66 -11.71 -24.18
C LYS A 354 -12.10 -11.80 -23.61
N MET A 355 -12.23 -11.92 -22.28
CA MET A 355 -13.55 -11.94 -21.58
C MET A 355 -14.31 -10.59 -21.65
N GLU A 356 -13.55 -9.49 -21.75
CA GLU A 356 -14.06 -8.13 -22.00
C GLU A 356 -14.48 -7.96 -23.47
N GLU A 357 -13.62 -8.44 -24.37
CA GLU A 357 -13.95 -8.51 -25.81
C GLU A 357 -15.14 -9.45 -26.15
N MET A 358 -15.37 -10.46 -25.33
CA MET A 358 -16.55 -11.33 -25.43
C MET A 358 -17.78 -10.72 -24.76
N GLN A 359 -17.55 -9.81 -23.81
CA GLN A 359 -18.62 -9.04 -23.17
C GLN A 359 -19.30 -8.07 -24.13
N GLN A 360 -18.50 -7.41 -24.98
CA GLN A 360 -19.03 -6.51 -26.00
C GLN A 360 -19.65 -7.21 -27.24
N HIS A 361 -19.56 -8.56 -27.30
CA HIS A 361 -20.06 -9.36 -28.45
C HIS A 361 -20.85 -10.60 -27.99
N SER A 364 -22.64 -11.43 -20.51
CA SER A 364 -21.29 -10.90 -20.65
C SER A 364 -20.39 -11.34 -19.49
N TRP A 365 -20.60 -10.77 -18.29
CA TRP A 365 -19.81 -11.12 -17.09
C TRP A 365 -20.00 -12.59 -16.65
N ILE A 366 -21.12 -13.21 -17.05
CA ILE A 366 -21.39 -14.64 -16.85
C ILE A 366 -20.33 -15.51 -17.54
N GLU A 367 -20.06 -15.24 -18.81
CA GLU A 367 -19.01 -15.94 -19.56
C GLU A 367 -17.63 -15.69 -18.94
N VAL A 368 -17.33 -14.44 -18.61
CA VAL A 368 -16.06 -14.05 -17.95
C VAL A 368 -15.65 -14.91 -16.75
N GLN A 369 -16.63 -15.55 -16.11
CA GLN A 369 -16.38 -16.44 -14.97
C GLN A 369 -15.63 -17.73 -15.34
N PHE A 370 -15.98 -18.39 -16.45
CA PHE A 370 -15.35 -19.68 -16.80
C PHE A 370 -13.85 -19.59 -17.06
N LEU A 371 -13.42 -18.51 -17.73
CA LEU A 371 -11.98 -18.26 -17.95
C LEU A 371 -11.22 -18.00 -16.67
N LYS A 372 -11.85 -17.36 -15.68
CA LYS A 372 -11.19 -17.18 -14.38
C LYS A 372 -11.00 -18.56 -13.76
N LYS A 373 -12.09 -19.33 -13.66
CA LYS A 373 -12.02 -20.71 -13.18
C LYS A 373 -10.89 -21.47 -13.87
N ALA A 374 -10.86 -21.43 -15.20
CA ALA A 374 -9.77 -22.06 -15.97
C ALA A 374 -8.38 -21.67 -15.45
N VAL A 375 -8.16 -20.39 -15.19
CA VAL A 375 -6.83 -19.95 -14.75
C VAL A 375 -6.56 -20.38 -13.32
N ASP A 376 -7.62 -20.50 -12.53
CA ASP A 376 -7.53 -20.95 -11.14
C ASP A 376 -7.29 -22.43 -11.07
N VAL A 377 -7.84 -23.21 -12.01
CA VAL A 377 -7.51 -24.63 -12.10
C VAL A 377 -6.03 -24.75 -12.46
N LEU A 378 -5.64 -24.18 -13.60
CA LEU A 378 -4.25 -24.17 -14.06
C LEU A 378 -3.20 -23.81 -12.98
N CYS A 379 -3.46 -22.80 -12.16
CA CYS A 379 -2.52 -22.40 -11.11
C CYS A 379 -2.38 -23.47 -10.03
N GLN A 380 -3.51 -24.00 -9.59
CA GLN A 380 -3.52 -25.08 -8.59
C GLN A 380 -2.78 -26.31 -9.08
N CYS A 381 -2.90 -26.62 -10.38
CA CYS A 381 -2.30 -27.82 -10.96
C CYS A 381 -0.80 -27.68 -11.07
N ARG A 382 -0.34 -26.60 -11.70
CA ARG A 382 1.07 -26.19 -11.68
C ARG A 382 1.68 -26.31 -10.29
N ALA A 383 1.00 -25.74 -9.30
CA ALA A 383 1.45 -25.82 -7.93
C ALA A 383 1.62 -27.25 -7.48
N THR A 384 0.61 -28.10 -7.63
CA THR A 384 0.74 -29.54 -7.31
C THR A 384 2.01 -30.08 -8.01
N LEU A 385 2.04 -29.90 -9.32
CA LEU A 385 3.09 -30.38 -10.22
C LEU A 385 4.44 -30.07 -9.67
N MET A 386 4.66 -28.77 -9.41
CA MET A 386 5.87 -28.27 -8.76
C MET A 386 6.29 -29.24 -7.69
N TYR A 387 5.37 -29.45 -6.74
CA TYR A 387 5.64 -30.24 -5.55
C TYR A 387 5.72 -31.74 -5.80
N THR A 388 5.17 -32.25 -6.90
CA THR A 388 5.34 -33.68 -7.19
C THR A 388 6.78 -33.96 -7.54
N TYR A 389 7.50 -32.96 -8.05
CA TYR A 389 8.93 -33.12 -8.32
C TYR A 389 9.79 -33.09 -7.07
N VAL A 390 9.32 -32.46 -6.02
CA VAL A 390 9.99 -32.55 -4.73
C VAL A 390 9.81 -33.96 -4.22
N PHE A 391 8.56 -34.45 -4.26
CA PHE A 391 8.20 -35.77 -3.70
C PHE A 391 8.88 -36.94 -4.39
N ALA A 392 9.17 -36.77 -5.66
CA ALA A 392 9.76 -37.81 -6.48
C ALA A 392 11.25 -37.88 -6.25
N PHE A 393 11.90 -36.72 -6.16
CA PHE A 393 13.34 -36.65 -5.92
C PHE A 393 13.76 -37.42 -4.65
N TYR A 394 12.92 -37.40 -3.63
CA TYR A 394 13.25 -38.08 -2.39
C TYR A 394 12.78 -39.51 -2.37
N LEU A 395 12.22 -40.00 -3.47
CA LEU A 395 11.49 -41.27 -3.49
C LEU A 395 12.41 -42.41 -3.91
N LYS A 396 12.59 -43.39 -3.01
CA LYS A 396 13.15 -44.69 -3.39
C LYS A 396 12.20 -45.31 -4.41
N LYS A 397 12.74 -45.64 -5.58
CA LYS A 397 11.99 -46.32 -6.65
C LYS A 397 11.46 -47.68 -6.16
N ASN A 398 10.14 -47.85 -6.26
CA ASN A 398 9.47 -49.07 -5.86
C ASN A 398 8.31 -49.35 -6.84
N ASN A 399 7.47 -50.33 -6.49
CA ASN A 399 6.39 -50.84 -7.36
C ASN A 399 5.32 -49.80 -7.70
N GLN A 400 4.99 -48.98 -6.72
CA GLN A 400 4.04 -47.89 -6.89
C GLN A 400 4.63 -46.67 -7.57
N SER A 401 5.93 -46.44 -7.45
CA SER A 401 6.51 -45.21 -8.00
C SER A 401 6.30 -45.10 -9.52
N ILE A 402 6.39 -46.21 -10.26
CA ILE A 402 6.17 -46.20 -11.72
C ILE A 402 4.78 -45.66 -12.06
N ILE A 403 3.77 -46.12 -11.34
CA ILE A 403 2.38 -45.69 -11.53
C ILE A 403 2.21 -44.22 -11.17
N PHE A 404 2.90 -43.76 -10.11
CA PHE A 404 2.96 -42.34 -9.74
C PHE A 404 3.54 -41.49 -10.89
N GLU A 405 4.66 -41.96 -11.43
CA GLU A 405 5.35 -41.22 -12.48
C GLU A 405 4.47 -41.06 -13.68
N ASN A 406 3.64 -42.06 -13.96
CA ASN A 406 2.70 -41.92 -15.07
C ASN A 406 1.64 -40.89 -14.80
N ASN A 407 1.18 -40.82 -13.55
CA ASN A 407 0.19 -39.82 -13.18
C ASN A 407 0.78 -38.41 -13.22
N GLN A 408 2.03 -38.30 -12.80
CA GLN A 408 2.75 -37.03 -12.86
C GLN A 408 2.82 -36.51 -14.28
N ALA A 409 3.13 -37.41 -15.20
CA ALA A 409 3.19 -37.10 -16.63
C ALA A 409 1.83 -36.77 -17.21
N ASP A 410 0.78 -37.43 -16.73
CA ASP A 410 -0.58 -37.18 -17.18
C ASP A 410 -1.00 -35.79 -16.80
N LEU A 411 -0.64 -35.38 -15.59
CA LEU A 411 -0.97 -34.06 -15.04
C LEU A 411 -0.15 -32.99 -15.69
N GLU A 412 1.14 -33.28 -15.90
CA GLU A 412 2.05 -32.36 -16.58
C GLU A 412 1.54 -32.06 -17.96
N ASN A 413 1.20 -33.06 -18.76
CA ASN A 413 0.66 -32.82 -20.10
C ASN A 413 -0.68 -32.09 -20.09
N ALA A 414 -1.59 -32.55 -19.24
CA ALA A 414 -2.92 -31.95 -19.11
C ALA A 414 -2.88 -30.49 -18.66
N THR A 415 -1.80 -30.11 -17.96
CA THR A 415 -1.53 -28.72 -17.60
C THR A 415 -1.05 -27.94 -18.80
N GLU A 416 0.05 -28.38 -19.43
CA GLU A 416 0.58 -27.74 -20.66
C GLU A 416 -0.49 -27.47 -21.72
N VAL A 417 -1.43 -28.39 -21.88
CA VAL A 417 -2.50 -28.23 -22.86
C VAL A 417 -3.45 -27.08 -22.50
N LEU A 418 -3.85 -27.02 -21.24
CA LEU A 418 -4.65 -25.90 -20.73
C LEU A 418 -3.87 -24.59 -20.73
N SER A 419 -2.59 -24.69 -20.33
CA SER A 419 -1.72 -23.53 -20.17
C SER A 419 -1.45 -22.90 -21.50
N GLY A 420 -1.35 -23.72 -22.53
CA GLY A 420 -1.02 -23.28 -23.87
C GLY A 420 -2.23 -22.89 -24.68
N TYR A 421 -3.42 -23.28 -24.26
CA TYR A 421 -4.63 -22.80 -24.93
C TYR A 421 -4.95 -21.38 -24.50
N LEU A 422 -4.83 -21.11 -23.20
CA LEU A 422 -5.09 -19.79 -22.65
C LEU A 422 -4.00 -18.79 -23.08
N GLU A 423 -2.80 -19.26 -23.37
CA GLU A 423 -1.68 -18.40 -23.85
C GLU A 423 -1.58 -18.15 -25.37
N ARG A 424 -2.11 -19.03 -26.21
CA ARG A 424 -1.89 -18.97 -27.67
C ARG A 424 -3.12 -19.26 -28.51
N ASP A 425 -3.69 -20.43 -28.30
CA ASP A 425 -4.59 -21.02 -29.28
C ASP A 425 -6.04 -20.55 -29.12
N ILE A 426 -6.36 -19.88 -28.02
CA ILE A 426 -7.70 -19.32 -27.80
C ILE A 426 -8.01 -18.21 -28.81
N SER A 427 -7.04 -17.30 -29.02
CA SER A 427 -7.17 -16.17 -29.95
C SER A 427 -7.16 -16.59 -31.43
N GLN A 428 -6.53 -17.73 -31.72
CA GLN A 428 -6.67 -18.41 -33.04
C GLN A 428 -7.92 -19.32 -33.10
N ASP A 429 -9.06 -18.85 -32.56
CA ASP A 429 -10.27 -19.66 -32.44
C ASP A 429 -11.50 -18.75 -32.33
N SER A 430 -12.65 -19.30 -32.71
CA SER A 430 -13.91 -18.53 -32.71
C SER A 430 -14.41 -18.27 -31.28
N LEU A 431 -15.52 -17.57 -31.14
CA LEU A 431 -16.00 -17.21 -29.80
C LEU A 431 -16.87 -18.29 -29.16
N GLN A 432 -17.73 -18.93 -29.95
CA GLN A 432 -18.66 -19.94 -29.39
C GLN A 432 -17.97 -21.25 -29.02
N ASP A 433 -16.81 -21.51 -29.62
CA ASP A 433 -16.07 -22.77 -29.45
C ASP A 433 -15.19 -22.86 -28.20
N ILE A 434 -14.76 -21.71 -27.68
CA ILE A 434 -13.78 -21.66 -26.58
C ILE A 434 -14.37 -21.90 -25.20
N LYS A 435 -15.66 -21.65 -24.99
CA LYS A 435 -16.29 -22.01 -23.70
C LYS A 435 -16.18 -23.50 -23.46
N GLN A 436 -16.50 -24.28 -24.50
CA GLN A 436 -16.45 -25.74 -24.43
C GLN A 436 -15.00 -26.20 -24.31
N LYS A 437 -14.14 -25.74 -25.20
CA LYS A 437 -12.74 -26.18 -25.22
C LYS A 437 -12.06 -25.96 -23.88
N VAL A 438 -12.10 -24.73 -23.38
CA VAL A 438 -11.49 -24.40 -22.08
C VAL A 438 -12.06 -25.22 -20.95
N GLN A 439 -13.39 -25.34 -20.89
CA GLN A 439 -14.01 -26.11 -19.81
C GLN A 439 -13.60 -27.57 -19.82
N ASP A 440 -13.81 -28.27 -20.94
CA ASP A 440 -13.35 -29.66 -21.12
C ASP A 440 -11.88 -29.86 -20.71
N LYS A 441 -11.04 -28.87 -20.99
CA LYS A 441 -9.62 -28.91 -20.63
C LYS A 441 -9.32 -28.78 -19.13
N TYR A 442 -9.94 -27.83 -18.44
CA TYR A 442 -9.64 -27.64 -17.02
C TYR A 442 -10.34 -28.69 -16.19
N ARG A 443 -11.49 -29.17 -16.63
CA ARG A 443 -12.11 -30.31 -15.98
C ARG A 443 -11.21 -31.55 -16.06
N TYR A 444 -10.51 -31.74 -17.18
CA TYR A 444 -9.58 -32.86 -17.31
C TYR A 444 -8.30 -32.65 -16.52
N CYS A 445 -7.83 -31.42 -16.51
CA CYS A 445 -6.61 -31.07 -15.79
C CYS A 445 -6.82 -31.36 -14.33
N GLU A 446 -8.00 -30.98 -13.85
CA GLU A 446 -8.44 -31.22 -12.49
C GLU A 446 -8.53 -32.70 -12.12
N SER A 447 -9.01 -33.55 -13.04
CA SER A 447 -9.07 -34.99 -12.78
C SER A 447 -7.67 -35.59 -12.72
N ARG A 448 -6.85 -35.34 -13.71
CA ARG A 448 -5.50 -35.88 -13.66
C ARG A 448 -4.75 -35.50 -12.39
N ARG A 449 -4.97 -34.28 -11.90
CA ARG A 449 -4.39 -33.77 -10.66
C ARG A 449 -4.95 -34.50 -9.45
N ARG A 450 -6.27 -34.66 -9.42
CA ARG A 450 -6.98 -35.42 -8.37
C ARG A 450 -6.65 -36.92 -8.40
N VAL A 451 -6.40 -37.49 -9.59
CA VAL A 451 -5.98 -38.88 -9.69
C VAL A 451 -4.61 -39.08 -9.08
N LEU A 452 -3.73 -38.11 -9.29
CA LEU A 452 -2.34 -38.14 -8.81
C LEU A 452 -2.29 -38.15 -7.30
N LEU A 453 -3.07 -37.26 -6.70
CA LEU A 453 -3.04 -37.07 -5.26
C LEU A 453 -3.73 -38.20 -4.57
N GLN A 454 -4.81 -38.68 -5.15
CA GLN A 454 -5.49 -39.90 -4.66
C GLN A 454 -4.52 -41.07 -4.55
N HIS A 455 -3.63 -41.20 -5.53
CA HIS A 455 -2.69 -42.30 -5.61
C HIS A 455 -1.66 -42.24 -4.52
N VAL A 456 -1.03 -41.09 -4.32
CA VAL A 456 0.01 -41.02 -3.30
C VAL A 456 -0.63 -41.30 -1.94
N HIS A 457 -1.83 -40.75 -1.73
CA HIS A 457 -2.44 -40.84 -0.42
C HIS A 457 -2.76 -42.27 -0.05
N GLU A 458 -3.22 -43.06 -1.01
CA GLU A 458 -3.38 -44.50 -0.80
C GLU A 458 -2.06 -45.09 -0.30
N GLY A 459 -0.97 -44.78 -0.99
CA GLY A 459 0.33 -45.29 -0.63
C GLY A 459 0.74 -44.92 0.78
N TYR A 460 0.45 -43.67 1.17
CA TYR A 460 0.73 -43.16 2.53
C TYR A 460 -0.08 -43.89 3.58
N GLU A 461 -1.33 -44.21 3.29
CA GLU A 461 -2.14 -45.03 4.21
C GLU A 461 -1.58 -46.42 4.45
N LYS A 462 -0.68 -46.91 3.61
CA LYS A 462 -0.06 -48.24 3.76
C LYS A 462 1.48 -48.23 3.78
N ASP A 463 2.10 -47.07 3.98
CA ASP A 463 3.57 -46.94 3.97
C ASP A 463 4.23 -47.53 2.72
N LEU A 464 3.63 -47.31 1.56
CA LEU A 464 4.26 -47.78 0.31
C LEU A 464 5.53 -47.03 -0.05
N TRP A 465 5.70 -45.82 0.47
CA TRP A 465 6.73 -44.93 -0.04
C TRP A 465 7.97 -44.98 0.85
N GLU A 466 9.14 -45.09 0.20
CA GLU A 466 10.45 -45.15 0.85
C GLU A 466 11.33 -44.00 0.31
N TYR A 467 12.47 -43.75 0.96
CA TYR A 467 13.29 -42.55 0.67
C TYR A 467 14.84 -42.76 0.66
N SER B 2 15.59 11.24 -0.23
CA SER B 2 16.79 11.61 -1.08
C SER B 2 17.10 13.11 -1.11
N MET B 3 16.07 13.95 -0.98
CA MET B 3 16.23 15.41 -0.88
C MET B 3 16.54 15.86 0.56
N ALA B 4 15.72 15.46 1.53
CA ALA B 4 15.97 15.74 2.97
C ALA B 4 17.35 15.28 3.47
N ALA B 5 17.89 14.21 2.90
CA ALA B 5 19.28 13.81 3.17
C ALA B 5 20.25 14.91 2.75
N SER B 6 20.13 15.32 1.49
CA SER B 6 20.96 16.39 0.91
C SER B 6 20.87 17.67 1.73
N ARG B 7 19.68 18.00 2.18
CA ARG B 7 19.45 19.17 3.02
C ARG B 7 20.19 19.10 4.36
N ARG B 8 20.26 17.91 4.95
CA ARG B 8 20.94 17.71 6.22
C ARG B 8 22.44 17.69 6.00
N LEU B 9 22.88 16.97 4.97
CA LEU B 9 24.30 16.86 4.67
C LEU B 9 24.91 18.20 4.35
N MET B 10 24.16 19.01 3.60
CA MET B 10 24.45 20.44 3.40
C MET B 10 24.82 21.17 4.69
N LYS B 11 24.01 21.03 5.75
CA LYS B 11 24.29 21.68 7.03
C LYS B 11 25.47 21.03 7.74
N GLU B 12 25.60 19.71 7.62
CA GLU B 12 26.70 18.98 8.25
C GLU B 12 28.01 19.38 7.62
N LEU B 13 28.04 19.28 6.30
CA LEU B 13 29.18 19.66 5.47
C LEU B 13 29.56 21.14 5.62
N GLU B 14 28.59 22.02 5.87
CA GLU B 14 28.88 23.43 6.16
C GLU B 14 29.57 23.62 7.50
N GLU B 15 29.18 22.86 8.49
CA GLU B 15 29.81 22.94 9.81
C GLU B 15 31.23 22.32 9.84
N ILE B 16 31.48 21.33 8.96
CA ILE B 16 32.80 20.66 8.85
C ILE B 16 33.87 21.58 8.27
N ARG B 17 33.64 22.05 7.04
CA ARG B 17 34.60 22.94 6.34
C ARG B 17 34.84 24.30 7.06
N LYS B 18 33.96 24.66 8.00
CA LYS B 18 34.03 25.92 8.78
C LYS B 18 34.80 25.83 10.11
N CYS B 19 34.76 24.67 10.78
CA CYS B 19 35.49 24.43 12.03
C CYS B 19 36.75 23.58 11.84
N GLY B 20 36.67 22.61 10.94
CA GLY B 20 37.82 21.82 10.50
C GLY B 20 37.89 20.45 11.15
N MET B 21 38.54 19.52 10.45
CA MET B 21 38.89 18.18 10.97
C MET B 21 40.36 17.94 10.61
N LYS B 22 41.22 17.87 11.62
CA LYS B 22 42.67 17.70 11.41
C LYS B 22 42.99 16.30 10.89
N ASN B 23 42.51 15.29 11.62
CA ASN B 23 42.75 13.90 11.23
C ASN B 23 42.04 13.47 9.95
N PHE B 24 40.96 14.16 9.58
CA PHE B 24 40.27 13.88 8.29
C PHE B 24 40.33 15.08 7.32
N ARG B 25 41.14 14.95 6.26
CA ARG B 25 41.51 16.07 5.36
C ARG B 25 40.99 15.85 3.94
N ASN B 26 41.10 16.90 3.12
CA ASN B 26 40.89 16.82 1.66
C ASN B 26 39.49 16.37 1.26
N ILE B 27 38.48 17.06 1.79
CA ILE B 27 37.08 16.64 1.61
C ILE B 27 36.48 17.11 0.27
N GLN B 28 36.20 16.16 -0.61
CA GLN B 28 35.60 16.41 -1.92
C GLN B 28 34.23 15.77 -1.95
N VAL B 29 33.22 16.58 -2.26
CA VAL B 29 31.84 16.12 -2.39
C VAL B 29 31.27 16.62 -3.70
N ASP B 30 30.47 15.79 -4.35
CA ASP B 30 29.79 16.19 -5.60
C ASP B 30 28.56 17.01 -5.18
N GLU B 31 28.56 18.31 -5.51
CA GLU B 31 27.53 19.25 -5.02
C GLU B 31 26.15 19.02 -5.60
N ALA B 32 26.08 18.42 -6.79
CA ALA B 32 24.82 17.92 -7.33
C ALA B 32 24.19 16.90 -6.38
N ASN B 33 24.98 15.88 -6.06
CA ASN B 33 24.58 14.76 -5.22
C ASN B 33 24.53 15.15 -3.73
N LEU B 34 25.72 15.44 -3.19
CA LEU B 34 25.97 15.62 -1.76
C LEU B 34 25.93 14.33 -0.91
N LEU B 35 25.43 13.24 -1.49
CA LEU B 35 25.32 11.92 -0.83
C LEU B 35 26.59 11.07 -0.89
N THR B 36 27.64 11.57 -1.56
CA THR B 36 28.87 10.79 -1.78
C THR B 36 30.07 11.69 -1.57
N TRP B 37 30.61 11.68 -0.37
CA TRP B 37 31.82 12.44 -0.05
C TRP B 37 33.04 11.58 -0.36
N GLN B 38 34.22 12.23 -0.33
CA GLN B 38 35.51 11.52 -0.29
C GLN B 38 36.45 12.29 0.61
N GLY B 39 37.58 11.67 0.92
CA GLY B 39 38.60 12.31 1.74
C GLY B 39 39.75 11.38 2.09
N LEU B 40 40.69 11.95 2.85
CA LEU B 40 41.96 11.32 3.14
C LEU B 40 42.11 11.30 4.64
N ILE B 41 42.16 10.12 5.23
CA ILE B 41 42.39 10.02 6.67
C ILE B 41 43.90 10.14 6.87
N VAL B 42 44.30 10.87 7.90
CA VAL B 42 45.70 10.97 8.32
C VAL B 42 45.83 10.51 9.78
N PRO B 43 46.13 9.21 9.98
CA PRO B 43 46.30 8.70 11.36
C PRO B 43 47.54 9.25 12.09
N ASP B 44 47.48 9.27 13.43
CA ASP B 44 48.60 9.76 14.27
C ASP B 44 49.44 8.66 14.90
N ASN B 45 48.90 7.43 15.03
CA ASN B 45 49.63 6.31 15.63
C ASN B 45 50.27 5.39 14.58
N PRO B 46 51.51 4.90 14.85
CA PRO B 46 52.03 3.72 14.14
C PRO B 46 51.16 2.52 14.51
N PRO B 47 50.93 1.56 13.59
CA PRO B 47 51.68 1.38 12.35
C PRO B 47 51.16 2.09 11.08
N TYR B 48 50.40 3.18 11.24
CA TYR B 48 49.88 3.93 10.07
C TYR B 48 50.29 5.39 9.97
N ASP B 49 51.09 5.94 10.90
CA ASP B 49 51.49 7.36 10.84
C ASP B 49 52.50 7.71 9.74
N LYS B 50 52.85 6.73 8.89
CA LYS B 50 53.74 6.93 7.73
C LYS B 50 52.92 6.96 6.42
N GLY B 51 51.74 7.57 6.45
CA GLY B 51 50.85 7.53 5.29
C GLY B 51 49.39 7.90 5.57
N ALA B 52 48.63 7.99 4.49
CA ALA B 52 47.24 8.39 4.51
C ALA B 52 46.42 7.50 3.59
N PHE B 53 45.10 7.48 3.82
CA PHE B 53 44.18 6.53 3.18
C PHE B 53 42.94 7.23 2.63
N ARG B 54 42.57 6.83 1.42
CA ARG B 54 41.43 7.36 0.72
C ARG B 54 40.19 6.60 1.16
N ILE B 55 39.20 7.31 1.69
CA ILE B 55 37.89 6.71 1.94
C ILE B 55 36.83 7.41 1.12
N GLU B 56 35.76 6.66 0.84
CA GLU B 56 34.58 7.17 0.15
C GLU B 56 33.37 6.87 1.04
N ILE B 57 32.64 7.92 1.44
CA ILE B 57 31.42 7.76 2.21
C ILE B 57 30.24 7.77 1.25
N ASN B 58 29.21 7.00 1.58
CA ASN B 58 28.04 6.84 0.71
C ASN B 58 26.77 6.89 1.55
N PHE B 59 26.14 8.05 1.52
CA PHE B 59 24.92 8.26 2.26
C PHE B 59 23.74 7.74 1.43
N PRO B 60 22.88 6.89 2.04
CA PRO B 60 21.68 6.51 1.30
C PRO B 60 20.70 7.67 1.17
N ALA B 61 19.69 7.50 0.32
CA ALA B 61 18.60 8.47 0.23
C ALA B 61 17.92 8.65 1.58
N GLU B 62 17.76 7.54 2.29
CA GLU B 62 17.04 7.52 3.55
C GLU B 62 17.91 8.02 4.73
N TYR B 63 19.11 8.54 4.47
CA TYR B 63 19.90 9.20 5.52
C TYR B 63 19.11 10.42 6.04
N PRO B 64 19.09 10.66 7.34
CA PRO B 64 19.92 10.02 8.34
C PRO B 64 19.28 8.84 9.07
N PHE B 65 18.18 8.28 8.55
CA PHE B 65 17.49 7.15 9.22
C PHE B 65 18.04 5.77 8.83
N LYS B 66 18.91 5.77 7.84
CA LYS B 66 19.84 4.70 7.59
C LYS B 66 21.24 5.31 7.62
N PRO B 67 22.24 4.50 8.03
CA PRO B 67 23.60 4.98 8.13
C PRO B 67 24.27 5.07 6.79
N PRO B 68 25.40 5.75 6.72
CA PRO B 68 26.22 5.72 5.52
C PRO B 68 27.01 4.40 5.44
N LYS B 69 27.86 4.28 4.42
CA LYS B 69 28.77 3.13 4.25
C LYS B 69 30.15 3.62 3.78
N ILE B 70 31.12 3.55 4.68
CA ILE B 70 32.49 3.95 4.39
C ILE B 70 33.15 2.74 3.73
N THR B 71 33.81 2.94 2.58
CA THR B 71 34.71 1.95 1.98
C THR B 71 36.06 2.60 1.65
N PHE B 72 37.16 1.99 2.09
CA PHE B 72 38.51 2.45 1.78
C PHE B 72 38.82 2.18 0.31
N LYS B 73 39.45 3.14 -0.36
CA LYS B 73 39.96 2.97 -1.73
C LYS B 73 41.46 2.65 -1.76
N THR B 74 42.20 3.22 -0.80
CA THR B 74 43.56 2.81 -0.52
C THR B 74 43.54 1.46 0.21
N LYS B 75 44.41 0.54 -0.22
CA LYS B 75 44.58 -0.74 0.47
C LYS B 75 45.29 -0.54 1.80
N ILE B 76 44.86 -1.30 2.79
CA ILE B 76 45.33 -1.15 4.17
C ILE B 76 45.46 -2.52 4.84
N TYR B 77 46.42 -2.65 5.75
CA TYR B 77 46.63 -3.88 6.51
C TYR B 77 46.09 -3.69 7.92
N HIS B 78 44.83 -4.08 8.09
CA HIS B 78 44.08 -3.84 9.32
C HIS B 78 43.10 -4.98 9.56
N PRO B 79 43.04 -5.51 10.78
CA PRO B 79 42.11 -6.64 11.01
C PRO B 79 40.62 -6.36 10.77
N ASN B 80 40.22 -5.10 10.84
CA ASN B 80 38.83 -4.64 10.74
C ASN B 80 38.42 -4.05 9.37
N ILE B 81 39.28 -4.22 8.36
CA ILE B 81 39.01 -3.75 7.00
C ILE B 81 39.47 -4.84 6.03
N ASP B 82 38.53 -5.41 5.27
CA ASP B 82 38.87 -6.46 4.29
C ASP B 82 39.66 -5.90 3.11
N GLU B 83 40.02 -6.78 2.18
CA GLU B 83 40.86 -6.41 1.05
C GLU B 83 40.12 -5.57 0.01
N LYS B 84 38.82 -5.83 -0.19
CA LYS B 84 37.98 -5.02 -1.09
C LYS B 84 37.72 -3.58 -0.59
N GLY B 85 37.94 -3.33 0.70
CA GLY B 85 37.90 -1.97 1.27
C GLY B 85 36.85 -1.74 2.34
N GLN B 86 35.87 -2.63 2.45
CA GLN B 86 34.79 -2.46 3.41
C GLN B 86 35.28 -2.49 4.84
N VAL B 87 34.80 -1.54 5.64
CA VAL B 87 35.18 -1.44 7.05
C VAL B 87 34.01 -1.94 7.91
N LYS B 88 34.33 -2.66 8.97
CA LYS B 88 33.34 -3.07 9.96
C LYS B 88 33.45 -2.07 11.12
N LEU B 89 32.80 -0.92 10.95
CA LEU B 89 32.73 0.12 11.98
C LEU B 89 31.39 -0.09 12.73
N PRO B 90 31.44 -0.33 14.06
CA PRO B 90 30.22 -0.71 14.80
C PRO B 90 29.16 0.39 14.85
N VAL B 91 29.59 1.62 15.06
CA VAL B 91 28.67 2.76 15.16
C VAL B 91 27.84 3.02 13.89
N ILE B 92 28.32 2.52 12.75
CA ILE B 92 27.67 2.67 11.46
C ILE B 92 26.77 1.49 11.09
N SER B 93 26.82 0.36 11.81
CA SER B 93 26.00 -0.82 11.43
C SER B 93 24.52 -0.59 11.67
N ALA B 94 23.67 -1.26 10.89
CA ALA B 94 22.22 -1.05 10.95
C ALA B 94 21.58 -1.34 12.30
N GLU B 95 22.22 -2.15 13.13
CA GLU B 95 21.69 -2.49 14.46
C GLU B 95 21.87 -1.35 15.43
N ASN B 96 23.06 -0.74 15.43
CA ASN B 96 23.41 0.33 16.37
C ASN B 96 23.13 1.75 15.89
N TRP B 97 22.95 1.93 14.59
CA TRP B 97 22.86 3.28 14.03
C TRP B 97 21.73 4.11 14.61
N LYS B 98 22.06 5.33 14.99
CA LYS B 98 21.13 6.28 15.56
C LYS B 98 21.08 7.48 14.61
N PRO B 99 19.87 7.90 14.22
CA PRO B 99 19.81 8.97 13.22
C PRO B 99 20.31 10.35 13.74
N ALA B 100 20.45 10.52 15.06
CA ALA B 100 21.08 11.70 15.63
C ALA B 100 22.61 11.66 15.70
N THR B 101 23.23 10.55 15.28
CA THR B 101 24.69 10.45 15.25
C THR B 101 25.21 11.29 14.09
N LYS B 102 26.17 12.16 14.36
CA LYS B 102 26.69 13.03 13.31
C LYS B 102 27.80 12.35 12.51
N THR B 103 27.95 12.75 11.25
CA THR B 103 29.07 12.31 10.40
C THR B 103 30.44 12.56 11.03
N ASP B 104 30.62 13.71 11.68
CA ASP B 104 31.91 14.00 12.32
C ASP B 104 32.22 12.95 13.40
N GLN B 105 31.20 12.52 14.15
CA GLN B 105 31.37 11.50 15.19
C GLN B 105 31.70 10.13 14.57
N VAL B 106 30.97 9.80 13.51
CA VAL B 106 31.22 8.60 12.69
C VAL B 106 32.67 8.46 12.27
N ILE B 107 33.26 9.58 11.83
CA ILE B 107 34.63 9.58 11.32
C ILE B 107 35.63 9.56 12.46
N GLN B 108 35.49 10.44 13.44
CA GLN B 108 36.32 10.34 14.62
C GLN B 108 36.40 8.87 15.08
N SER B 109 35.25 8.19 15.09
CA SER B 109 35.18 6.77 15.46
C SER B 109 35.91 5.83 14.51
N LEU B 110 35.98 6.17 13.23
CA LEU B 110 36.82 5.43 12.26
C LEU B 110 38.32 5.57 12.53
N ILE B 111 38.72 6.72 13.07
CA ILE B 111 40.12 6.98 13.38
C ILE B 111 40.46 6.37 14.73
N ALA B 112 39.46 6.18 15.59
CA ALA B 112 39.63 5.33 16.77
C ALA B 112 40.03 3.94 16.33
N LEU B 113 39.29 3.39 15.36
CA LEU B 113 39.51 2.02 14.88
C LEU B 113 40.83 1.87 14.18
N VAL B 114 41.19 2.83 13.33
CA VAL B 114 42.49 2.84 12.69
C VAL B 114 43.61 2.83 13.75
N ASN B 115 43.52 3.72 14.73
CA ASN B 115 44.58 3.89 15.74
C ASN B 115 44.62 2.82 16.82
N ASP B 116 43.55 2.05 16.96
CA ASP B 116 43.49 0.91 17.90
C ASP B 116 42.68 -0.24 17.29
N PRO B 117 43.34 -1.13 16.54
CA PRO B 117 42.59 -2.21 15.92
C PRO B 117 41.91 -3.12 16.96
N GLN B 118 40.64 -3.42 16.69
CA GLN B 118 39.78 -4.24 17.54
C GLN B 118 39.71 -5.64 16.93
N PRO B 119 40.59 -6.56 17.38
CA PRO B 119 40.58 -7.90 16.77
C PRO B 119 39.41 -8.81 17.20
N GLU B 120 38.64 -8.36 18.18
CA GLU B 120 37.51 -9.10 18.73
C GLU B 120 36.39 -9.46 17.74
N HIS B 121 36.12 -8.57 16.77
CA HIS B 121 35.07 -8.80 15.75
C HIS B 121 35.54 -8.29 14.38
N PRO B 122 36.51 -9.01 13.77
CA PRO B 122 37.25 -8.54 12.61
C PRO B 122 36.65 -8.99 11.27
N LEU B 123 37.14 -8.39 10.18
CA LEU B 123 36.85 -8.86 8.82
C LEU B 123 37.97 -9.74 8.24
N ARG B 124 39.23 -9.40 8.57
CA ARG B 124 40.39 -10.23 8.27
C ARG B 124 40.82 -10.96 9.54
N ALA B 125 40.34 -12.19 9.65
CA ALA B 125 40.51 -13.00 10.87
C ALA B 125 41.95 -13.45 11.10
N ASP B 126 42.68 -13.67 9.99
CA ASP B 126 44.10 -13.99 10.06
C ASP B 126 44.94 -12.81 10.53
N LEU B 127 44.60 -11.59 10.07
CA LEU B 127 45.26 -10.35 10.54
C LEU B 127 45.01 -10.05 12.02
N ALA B 128 43.81 -10.39 12.47
CA ALA B 128 43.47 -10.32 13.89
C ALA B 128 44.35 -11.24 14.75
N GLU B 129 44.60 -12.47 14.30
CA GLU B 129 45.52 -13.38 15.01
C GLU B 129 46.97 -12.83 15.08
N GLU B 130 47.42 -12.26 13.96
CA GLU B 130 48.77 -11.69 13.88
C GLU B 130 48.89 -10.56 14.89
N TYR B 131 47.86 -9.73 14.99
CA TYR B 131 47.86 -8.53 15.84
C TYR B 131 47.98 -8.82 17.32
N SER B 132 47.15 -9.73 17.81
CA SER B 132 47.17 -10.14 19.21
C SER B 132 48.39 -11.01 19.51
N LYS B 133 48.49 -12.14 18.83
CA LYS B 133 49.55 -13.13 19.12
C LYS B 133 51.00 -12.68 18.87
N ASP B 134 51.22 -11.69 18.01
CA ASP B 134 52.58 -11.19 17.72
C ASP B 134 52.53 -9.74 17.20
N ARG B 135 52.34 -8.83 18.15
CA ARG B 135 52.17 -7.39 17.86
C ARG B 135 53.29 -6.80 17.02
N LYS B 136 54.52 -6.99 17.50
CA LYS B 136 55.72 -6.33 16.93
C LYS B 136 55.87 -6.65 15.48
N LYS B 137 55.59 -7.91 15.12
CA LYS B 137 55.70 -8.37 13.74
C LYS B 137 54.59 -7.82 12.87
N PHE B 138 53.36 -7.81 13.38
CA PHE B 138 52.22 -7.22 12.66
C PHE B 138 52.43 -5.73 12.37
N CYS B 139 52.77 -4.99 13.42
CA CYS B 139 53.03 -3.57 13.24
C CYS B 139 54.03 -3.29 12.12
N LYS B 140 55.02 -4.15 11.99
CA LYS B 140 55.99 -4.06 10.90
C LYS B 140 55.37 -4.47 9.54
N ASN B 141 54.59 -5.54 9.50
CA ASN B 141 53.89 -5.93 8.25
C ASN B 141 52.98 -4.84 7.72
N ALA B 142 52.20 -4.25 8.63
CA ALA B 142 51.29 -3.15 8.31
C ALA B 142 52.02 -1.87 7.96
N GLU B 143 53.17 -1.63 8.59
CA GLU B 143 54.01 -0.47 8.25
C GLU B 143 54.47 -0.48 6.79
N GLU B 144 54.99 -1.63 6.35
CA GLU B 144 55.56 -1.76 5.00
C GLU B 144 54.47 -1.80 3.92
N PHE B 145 53.29 -2.30 4.30
CA PHE B 145 52.11 -2.22 3.46
C PHE B 145 51.67 -0.77 3.36
N THR B 146 51.71 -0.04 4.48
CA THR B 146 51.35 1.38 4.53
C THR B 146 52.29 2.23 3.66
N LYS B 147 53.60 2.01 3.82
CA LYS B 147 54.63 2.71 3.00
C LYS B 147 54.52 2.36 1.49
N LYS B 148 54.21 1.11 1.19
CA LYS B 148 54.05 0.64 -0.19
C LYS B 148 52.77 1.13 -0.90
N TYR B 149 51.67 1.25 -0.14
CA TYR B 149 50.36 1.63 -0.69
C TYR B 149 49.75 2.92 -0.08
N GLY B 150 50.50 3.64 0.75
CA GLY B 150 49.99 4.87 1.35
C GLY B 150 49.79 6.04 0.39
N GLU B 151 49.55 7.19 1.01
CA GLU B 151 49.36 8.46 0.32
C GLU B 151 50.15 9.55 1.05
N LYS B 152 50.65 10.52 0.30
CA LYS B 152 51.39 11.64 0.88
C LYS B 152 50.46 12.42 1.80
N ARG B 153 51.02 12.94 2.88
CA ARG B 153 50.24 13.53 3.95
C ARG B 153 49.70 14.89 3.50
N ASP C 11 -23.94 -6.73 -31.91
CA ASP C 11 -22.68 -6.60 -31.11
C ASP C 11 -22.23 -5.13 -31.05
N TYR C 12 -22.36 -4.51 -29.88
CA TYR C 12 -22.02 -3.09 -29.70
C TYR C 12 -20.54 -2.92 -29.32
N ARG C 13 -19.65 -2.99 -30.32
CA ARG C 13 -18.20 -2.82 -30.10
C ARG C 13 -17.83 -1.49 -29.39
N TYR C 14 -16.81 -1.55 -28.53
CA TYR C 14 -16.23 -0.38 -27.86
C TYR C 14 -14.85 -0.66 -27.24
N GLU C 15 -14.31 0.28 -26.49
CA GLU C 15 -12.93 0.20 -26.00
C GLU C 15 -12.74 1.24 -24.89
N VAL C 16 -12.22 0.80 -23.75
CA VAL C 16 -11.96 1.71 -22.63
C VAL C 16 -10.54 2.18 -22.64
N LEU C 17 -10.36 3.50 -22.54
CA LEU C 17 -9.04 4.06 -22.49
C LEU C 17 -8.76 4.68 -21.14
N THR C 18 -7.49 4.60 -20.72
CA THR C 18 -7.01 5.24 -19.50
C THR C 18 -6.67 6.69 -19.85
N ALA C 19 -6.77 7.57 -18.86
CA ALA C 19 -6.52 8.99 -19.07
C ALA C 19 -5.08 9.30 -19.53
N GLU C 20 -4.16 8.38 -19.27
CA GLU C 20 -2.83 8.44 -19.85
C GLU C 20 -2.86 8.28 -21.37
N GLN C 21 -3.61 7.29 -21.84
CA GLN C 21 -3.76 7.04 -23.27
C GLN C 21 -4.51 8.20 -23.91
N ILE C 22 -5.63 8.58 -23.31
CA ILE C 22 -6.52 9.61 -23.87
C ILE C 22 -5.85 10.98 -23.92
N LEU C 23 -4.87 11.22 -23.04
CA LEU C 23 -4.01 12.38 -23.17
C LEU C 23 -3.16 12.30 -24.44
N GLN C 24 -2.54 11.14 -24.69
CA GLN C 24 -1.63 10.97 -25.86
C GLN C 24 -2.29 11.22 -27.21
N HIS C 25 -3.61 11.05 -27.29
CA HIS C 25 -4.38 11.46 -28.47
C HIS C 25 -4.39 12.99 -28.59
N MET C 26 -4.76 13.67 -27.50
CA MET C 26 -4.76 15.14 -27.46
C MET C 26 -3.38 15.75 -27.78
N VAL C 27 -2.32 15.12 -27.31
CA VAL C 27 -0.95 15.54 -27.66
C VAL C 27 -0.71 15.35 -29.15
N GLU C 28 -1.11 14.20 -29.70
CA GLU C 28 -1.01 13.92 -31.15
C GLU C 28 -2.01 14.74 -31.98
N CYS C 29 -3.09 15.21 -31.35
CA CYS C 29 -4.03 16.13 -31.98
C CYS C 29 -3.48 17.56 -31.98
N ILE C 30 -2.82 17.95 -30.90
CA ILE C 30 -2.25 19.28 -30.74
C ILE C 30 -0.98 19.45 -31.58
N ARG C 31 -0.03 18.50 -31.48
CA ARG C 31 1.26 18.56 -32.21
C ARG C 31 1.08 18.67 -33.75
N GLU C 32 0.01 18.09 -34.29
CA GLU C 32 -0.36 18.27 -35.71
C GLU C 32 -0.87 19.67 -36.00
N VAL C 33 -1.68 20.23 -35.10
CA VAL C 33 -2.12 21.63 -35.16
C VAL C 33 -0.97 22.60 -34.81
N ASN C 34 -0.05 22.18 -33.93
CA ASN C 34 1.05 23.03 -33.43
C ASN C 34 2.29 23.07 -34.35
N GLU C 35 2.44 22.11 -35.26
CA GLU C 35 3.48 22.19 -36.31
C GLU C 35 3.15 23.27 -37.35
N VAL C 36 1.86 23.53 -37.54
CA VAL C 36 1.37 24.63 -38.38
C VAL C 36 1.74 26.00 -37.77
N ILE C 37 1.67 26.09 -36.44
CA ILE C 37 1.64 27.38 -35.69
C ILE C 37 2.83 27.64 -34.74
N GLN C 38 3.51 26.58 -34.28
CA GLN C 38 4.70 26.68 -33.40
C GLN C 38 4.48 27.49 -32.11
N ASN C 39 3.51 27.05 -31.31
CA ASN C 39 3.32 27.53 -29.94
C ASN C 39 3.86 26.47 -28.98
N PRO C 40 3.82 26.76 -27.66
CA PRO C 40 3.91 25.64 -26.72
C PRO C 40 2.62 24.82 -26.78
N ALA C 41 2.75 23.49 -26.76
CA ALA C 41 1.60 22.58 -26.86
C ALA C 41 0.52 22.87 -25.80
N THR C 42 0.92 23.44 -24.67
CA THR C 42 -0.02 23.88 -23.64
C THR C 42 -0.92 25.06 -24.06
N ILE C 43 -0.40 25.97 -24.88
CA ILE C 43 -1.20 27.12 -25.37
C ILE C 43 -2.17 26.70 -26.48
N THR C 44 -1.68 25.89 -27.42
CA THR C 44 -2.52 25.36 -28.50
C THR C 44 -3.75 24.64 -27.94
N ARG C 45 -3.57 23.93 -26.83
CA ARG C 45 -4.66 23.29 -26.08
C ARG C 45 -5.73 24.28 -25.66
N ILE C 46 -5.32 25.37 -25.00
CA ILE C 46 -6.28 26.34 -24.40
C ILE C 46 -7.05 27.08 -25.49
N LEU C 47 -6.39 27.32 -26.62
CA LEU C 47 -7.02 27.85 -27.84
C LEU C 47 -8.02 26.83 -28.42
N LEU C 48 -7.50 25.64 -28.76
CA LEU C 48 -8.33 24.53 -29.25
C LEU C 48 -9.49 24.22 -28.29
N SER C 49 -9.20 24.20 -27.00
CA SER C 49 -10.20 23.91 -25.96
C SER C 49 -11.32 24.96 -25.92
N HIS C 50 -10.98 26.21 -26.24
CA HIS C 50 -11.99 27.30 -26.36
C HIS C 50 -12.83 27.20 -27.63
N PHE C 51 -12.19 26.82 -28.74
CA PHE C 51 -12.88 26.54 -30.02
C PHE C 51 -13.65 25.18 -30.04
N ASN C 52 -13.95 24.60 -28.86
CA ASN C 52 -14.59 23.30 -28.75
C ASN C 52 -13.98 22.24 -29.69
N TRP C 53 -12.66 22.28 -29.83
CA TRP C 53 -11.89 21.32 -30.64
C TRP C 53 -12.35 21.25 -32.10
N ASP C 54 -12.66 22.41 -32.66
CA ASP C 54 -12.91 22.53 -34.10
C ASP C 54 -11.63 23.07 -34.76
N LYS C 55 -10.85 22.17 -35.36
CA LYS C 55 -9.61 22.55 -36.03
C LYS C 55 -9.90 23.48 -37.22
N GLU C 56 -11.09 23.35 -37.82
CA GLU C 56 -11.57 24.28 -38.84
C GLU C 56 -11.64 25.74 -38.30
N LYS C 57 -12.57 25.98 -37.36
CA LYS C 57 -12.83 27.32 -36.80
C LYS C 57 -11.67 27.96 -36.02
N LEU C 58 -10.60 27.21 -35.75
CA LEU C 58 -9.32 27.79 -35.28
C LEU C 58 -8.53 28.43 -36.41
N MET C 59 -8.48 27.76 -37.56
CA MET C 59 -7.77 28.28 -38.73
C MET C 59 -8.46 29.49 -39.35
N GLU C 60 -9.80 29.54 -39.26
CA GLU C 60 -10.60 30.67 -39.76
C GLU C 60 -10.46 31.98 -38.96
N ARG C 61 -9.66 31.98 -37.88
CA ARG C 61 -9.28 33.23 -37.20
C ARG C 61 -7.76 33.46 -37.02
N TYR C 62 -6.94 32.40 -37.07
CA TYR C 62 -5.56 32.44 -36.55
C TYR C 62 -4.57 33.27 -37.36
N PHE C 63 -4.32 32.86 -38.60
CA PHE C 63 -3.35 33.54 -39.47
C PHE C 63 -3.82 34.94 -39.98
N ASP C 64 -5.08 35.31 -39.72
CA ASP C 64 -5.64 36.63 -40.04
C ASP C 64 -4.92 37.79 -39.34
N GLY C 65 -4.96 37.80 -38.00
CA GLY C 65 -4.36 38.88 -37.19
C GLY C 65 -2.90 38.62 -36.83
N MET C 97 21.22 30.72 -0.31
CA MET C 97 20.15 30.97 -1.28
C MET C 97 18.91 30.12 -0.97
N PRO C 98 18.28 30.33 0.21
CA PRO C 98 17.15 29.51 0.64
C PRO C 98 15.92 29.60 -0.25
N CYS C 99 14.95 28.73 0.02
CA CYS C 99 13.72 28.68 -0.76
C CYS C 99 12.83 29.83 -0.34
N GLN C 100 12.01 30.30 -1.26
CA GLN C 100 11.11 31.41 -0.99
C GLN C 100 9.71 31.00 -0.52
N ILE C 101 9.35 29.72 -0.67
CA ILE C 101 8.07 29.24 -0.14
C ILE C 101 8.24 28.60 1.23
N CYS C 102 9.27 27.78 1.43
CA CYS C 102 9.50 27.06 2.71
C CYS C 102 10.73 27.48 3.53
N TYR C 103 11.55 28.38 3.01
CA TYR C 103 12.67 28.96 3.75
C TYR C 103 13.77 27.96 4.15
N LEU C 104 13.91 26.85 3.42
CA LEU C 104 14.95 25.86 3.69
C LEU C 104 16.07 25.86 2.64
N ASN C 105 17.29 25.70 3.11
CA ASN C 105 18.46 25.63 2.24
C ASN C 105 18.56 24.23 1.64
N TYR C 106 18.35 24.11 0.32
CA TYR C 106 18.65 22.89 -0.42
C TYR C 106 19.76 23.20 -1.41
N PRO C 107 20.55 22.19 -1.83
CA PRO C 107 21.57 22.42 -2.86
C PRO C 107 20.90 22.66 -4.20
N ASN C 108 21.60 23.35 -5.10
CA ASN C 108 20.97 23.92 -6.33
C ASN C 108 20.26 22.95 -7.27
N SER C 109 20.63 21.66 -7.24
CA SER C 109 20.01 20.64 -8.09
C SER C 109 18.52 20.43 -7.89
N TYR C 110 18.03 20.76 -6.69
CA TYR C 110 16.60 20.64 -6.35
C TYR C 110 15.78 21.92 -6.55
N PHE C 111 16.35 22.95 -7.18
CA PHE C 111 15.55 24.11 -7.60
C PHE C 111 15.12 24.02 -9.07
N THR C 112 13.84 24.27 -9.32
CA THR C 112 13.28 24.21 -10.66
C THR C 112 12.57 25.53 -10.89
N GLY C 113 13.17 26.36 -11.74
CA GLY C 113 12.57 27.62 -12.17
C GLY C 113 11.65 27.42 -13.36
N LEU C 114 10.64 28.29 -13.44
CA LEU C 114 9.80 28.39 -14.63
C LEU C 114 10.48 29.36 -15.62
N GLU C 115 9.73 29.85 -16.62
CA GLU C 115 10.26 30.75 -17.66
C GLU C 115 10.75 32.12 -17.15
N CYS C 116 10.11 32.60 -16.08
CA CYS C 116 10.43 33.87 -15.40
C CYS C 116 11.73 33.91 -14.59
N GLY C 117 12.31 32.74 -14.29
CA GLY C 117 13.47 32.65 -13.41
C GLY C 117 13.12 32.48 -11.93
N HIS C 118 11.83 32.49 -11.59
CA HIS C 118 11.38 32.21 -10.22
C HIS C 118 11.63 30.76 -9.86
N LYS C 119 12.62 30.51 -9.01
CA LYS C 119 12.95 29.14 -8.58
C LYS C 119 12.38 28.86 -7.19
N PHE C 120 11.76 27.70 -7.03
CA PHE C 120 11.41 27.16 -5.72
C PHE C 120 11.86 25.71 -5.65
N CYS C 121 11.89 25.13 -4.44
CA CYS C 121 12.37 23.77 -4.24
C CYS C 121 11.42 22.74 -4.84
N MET C 122 11.93 21.52 -5.03
CA MET C 122 11.17 20.45 -5.67
C MET C 122 9.88 20.11 -4.95
N GLN C 123 9.92 20.14 -3.61
CA GLN C 123 8.76 19.74 -2.81
C GLN C 123 7.71 20.82 -2.61
N CYS C 124 8.11 22.09 -2.56
CA CYS C 124 7.11 23.17 -2.59
C CYS C 124 6.40 23.21 -3.94
N TRP C 125 7.15 22.97 -5.01
CA TRP C 125 6.55 22.73 -6.34
C TRP C 125 5.54 21.59 -6.31
N SER C 126 5.90 20.49 -5.66
CA SER C 126 4.99 19.35 -5.53
C SER C 126 3.78 19.69 -4.68
N GLU C 127 4.02 20.37 -3.56
CA GLU C 127 2.94 20.72 -2.62
C GLU C 127 2.02 21.80 -3.15
N TYR C 128 2.54 22.70 -4.00
CA TYR C 128 1.73 23.76 -4.62
C TYR C 128 0.84 23.17 -5.70
N LEU C 129 1.44 22.40 -6.61
CA LEU C 129 0.72 21.83 -7.75
C LEU C 129 -0.44 20.95 -7.36
N THR C 130 -0.21 20.02 -6.43
CA THR C 130 -1.23 19.04 -6.03
C THR C 130 -2.38 19.68 -5.26
N THR C 131 -2.10 20.80 -4.58
CA THR C 131 -3.14 21.52 -3.83
C THR C 131 -3.78 22.65 -4.61
N LYS C 132 -3.27 22.93 -5.81
CA LYS C 132 -3.95 23.87 -6.71
C LYS C 132 -4.82 23.14 -7.76
N ILE C 133 -4.62 21.83 -7.91
CA ILE C 133 -5.55 20.99 -8.71
C ILE C 133 -6.61 20.28 -7.89
N MET C 134 -6.71 20.62 -6.59
CA MET C 134 -7.80 20.14 -5.75
C MET C 134 -8.93 21.17 -5.58
N GLU C 135 -10.08 20.67 -5.15
CA GLU C 135 -11.31 21.46 -5.00
C GLU C 135 -11.12 22.65 -4.05
N GLU C 136 -11.52 23.87 -4.44
CA GLU C 136 -12.21 24.19 -5.70
C GLU C 136 -11.55 25.39 -6.37
N GLY C 137 -12.17 25.86 -7.45
CA GLY C 137 -11.68 27.03 -8.19
C GLY C 137 -10.50 26.72 -9.08
N MET C 138 -10.52 25.53 -9.69
CA MET C 138 -9.44 25.05 -10.54
C MET C 138 -9.87 25.16 -11.99
N GLY C 139 -9.05 25.84 -12.81
CA GLY C 139 -9.33 26.02 -14.23
C GLY C 139 -8.70 24.94 -15.09
N GLN C 140 -8.13 25.36 -16.22
CA GLN C 140 -7.41 24.48 -17.13
C GLN C 140 -5.89 24.74 -17.12
N THR C 141 -5.46 25.77 -16.40
CA THR C 141 -4.04 26.07 -16.23
C THR C 141 -3.79 26.45 -14.78
N ILE C 142 -2.54 26.26 -14.35
CA ILE C 142 -2.07 26.68 -13.05
C ILE C 142 -0.94 27.64 -13.32
N SER C 143 -0.92 28.77 -12.62
CA SER C 143 0.14 29.76 -12.81
C SER C 143 1.24 29.59 -11.76
N CYS C 144 2.34 30.31 -11.96
CA CYS C 144 3.55 30.23 -11.11
C CYS C 144 3.25 30.68 -9.67
N PRO C 145 3.86 30.03 -8.66
CA PRO C 145 3.54 30.35 -7.27
C PRO C 145 4.34 31.48 -6.63
N ALA C 146 5.09 32.26 -7.40
CA ALA C 146 5.71 33.49 -6.88
C ALA C 146 4.64 34.55 -6.64
N HIS C 147 5.03 35.66 -6.01
CA HIS C 147 4.08 36.73 -5.71
C HIS C 147 3.69 37.49 -6.97
N GLY C 148 2.39 37.54 -7.24
CA GLY C 148 1.88 38.30 -8.38
C GLY C 148 1.99 37.63 -9.74
N CYS C 149 3.16 37.09 -10.09
CA CYS C 149 3.44 36.64 -11.46
C CYS C 149 2.42 35.61 -11.94
N ASP C 150 1.98 35.76 -13.20
CA ASP C 150 0.84 35.04 -13.76
C ASP C 150 1.22 33.98 -14.79
N ILE C 151 2.52 33.82 -15.04
CA ILE C 151 3.01 32.85 -16.03
C ILE C 151 2.50 31.43 -15.72
N LEU C 152 1.84 30.82 -16.70
CA LEU C 152 1.28 29.48 -16.55
C LEU C 152 2.36 28.40 -16.61
N VAL C 153 2.13 27.32 -15.87
CA VAL C 153 3.01 26.17 -15.86
C VAL C 153 2.51 25.26 -16.97
N ASP C 154 3.39 24.97 -17.91
CA ASP C 154 3.04 24.15 -19.08
C ASP C 154 2.67 22.75 -18.64
N ASP C 155 1.49 22.31 -19.06
CA ASP C 155 0.96 20.98 -18.71
C ASP C 155 1.96 19.83 -18.81
N ASN C 156 2.98 19.96 -19.66
CA ASN C 156 4.10 19.01 -19.68
C ASN C 156 4.93 19.01 -18.38
N THR C 157 5.30 20.19 -17.88
CA THR C 157 6.10 20.30 -16.62
C THR C 157 5.26 20.38 -15.34
N VAL C 158 3.95 20.12 -15.44
CA VAL C 158 3.14 19.78 -14.28
C VAL C 158 3.34 18.30 -13.97
N MET C 159 3.16 17.43 -14.98
CA MET C 159 3.29 15.97 -14.85
C MET C 159 4.62 15.58 -14.23
N ARG C 160 5.68 16.29 -14.64
CA ARG C 160 7.04 16.03 -14.18
C ARG C 160 7.27 16.35 -12.70
N LEU C 161 6.62 17.39 -12.18
CA LEU C 161 6.88 17.89 -10.82
C LEU C 161 5.94 17.34 -9.72
N ILE C 162 4.92 16.56 -10.10
CA ILE C 162 4.05 15.91 -9.10
C ILE C 162 4.37 14.42 -8.99
N THR C 163 4.23 13.91 -7.77
CA THR C 163 4.71 12.57 -7.42
C THR C 163 3.55 11.55 -7.38
N ASP C 164 2.49 11.87 -6.65
CA ASP C 164 1.31 11.00 -6.53
C ASP C 164 0.72 10.66 -7.89
N SER C 165 0.17 9.45 -7.99
CA SER C 165 -0.47 8.97 -9.22
C SER C 165 -1.99 9.17 -9.18
N LYS C 166 -2.61 9.07 -8.01
CA LYS C 166 -4.04 9.41 -7.89
C LYS C 166 -4.30 10.92 -8.13
N VAL C 167 -3.26 11.73 -7.93
CA VAL C 167 -3.33 13.19 -8.14
C VAL C 167 -2.99 13.51 -9.59
N LYS C 168 -1.87 12.99 -10.08
CA LYS C 168 -1.46 13.13 -11.49
C LYS C 168 -2.54 12.67 -12.49
N LEU C 169 -3.46 11.83 -12.04
CA LEU C 169 -4.57 11.39 -12.87
C LEU C 169 -5.65 12.47 -12.91
N LYS C 170 -5.90 13.11 -11.75
CA LYS C 170 -6.82 14.27 -11.65
C LYS C 170 -6.48 15.41 -12.61
N TYR C 171 -5.20 15.80 -12.69
CA TYR C 171 -4.76 16.84 -13.63
C TYR C 171 -4.97 16.42 -15.07
N GLN C 172 -4.59 15.20 -15.42
CA GLN C 172 -4.81 14.64 -16.76
C GLN C 172 -6.30 14.59 -17.13
N HIS C 173 -7.18 14.39 -16.14
CA HIS C 173 -8.63 14.46 -16.35
C HIS C 173 -9.11 15.90 -16.62
N LEU C 174 -8.55 16.87 -15.91
CA LEU C 174 -9.01 18.25 -16.01
C LEU C 174 -8.54 18.95 -17.27
N ILE C 175 -7.31 18.65 -17.71
CA ILE C 175 -6.82 19.23 -18.97
C ILE C 175 -7.33 18.50 -20.21
N THR C 176 -8.02 17.37 -20.02
CA THR C 176 -8.58 16.61 -21.11
C THR C 176 -10.11 16.69 -21.18
N ASN C 177 -10.78 17.20 -20.12
CA ASN C 177 -12.25 17.09 -20.01
C ASN C 177 -13.07 17.69 -21.15
N SER C 178 -12.55 18.75 -21.80
CA SER C 178 -13.21 19.32 -22.98
C SER C 178 -13.06 18.37 -24.17
N PHE C 179 -11.82 17.99 -24.50
CA PHE C 179 -11.51 17.06 -25.62
C PHE C 179 -12.42 15.82 -25.65
N VAL C 180 -12.85 15.37 -24.48
CA VAL C 180 -13.76 14.24 -24.32
C VAL C 180 -15.23 14.66 -24.44
N GLU C 181 -15.62 15.70 -23.70
CA GLU C 181 -17.03 16.16 -23.67
C GLU C 181 -17.48 16.83 -24.97
N CYS C 182 -16.50 17.23 -25.79
CA CYS C 182 -16.78 17.74 -27.15
C CYS C 182 -16.67 16.64 -28.21
N ASN C 183 -16.18 15.45 -27.84
CA ASN C 183 -16.16 14.28 -28.73
C ASN C 183 -17.37 13.37 -28.45
N ARG C 184 -18.07 13.00 -29.52
CA ARG C 184 -19.32 12.23 -29.43
C ARG C 184 -19.06 10.76 -29.22
N LEU C 185 -17.87 10.31 -29.59
CA LEU C 185 -17.42 8.93 -29.41
C LEU C 185 -16.77 8.64 -28.04
N LEU C 186 -16.21 9.66 -27.38
CA LEU C 186 -15.70 9.50 -26.01
C LEU C 186 -16.72 9.87 -24.92
N LYS C 187 -16.51 9.33 -23.72
CA LYS C 187 -17.35 9.59 -22.55
C LYS C 187 -16.63 9.06 -21.31
N TRP C 188 -16.46 9.91 -20.30
CA TRP C 188 -15.79 9.50 -19.05
C TRP C 188 -16.69 8.54 -18.28
N CYS C 189 -16.07 7.65 -17.50
CA CYS C 189 -16.81 6.77 -16.60
C CYS C 189 -17.40 7.60 -15.46
N PRO C 190 -18.69 7.42 -15.15
CA PRO C 190 -19.32 8.09 -14.00
C PRO C 190 -18.60 7.91 -12.67
N ALA C 191 -18.02 6.72 -12.43
CA ALA C 191 -17.29 6.44 -11.18
C ALA C 191 -16.44 7.65 -10.79
N PRO C 192 -16.72 8.26 -9.61
CA PRO C 192 -16.23 9.61 -9.26
C PRO C 192 -14.71 9.77 -9.17
N ASP C 193 -13.98 8.73 -8.76
CA ASP C 193 -12.52 8.78 -8.69
C ASP C 193 -11.82 8.07 -9.86
N CYS C 194 -12.57 7.31 -10.66
CA CYS C 194 -12.03 6.64 -11.85
C CYS C 194 -11.88 7.64 -13.01
N HIS C 195 -10.73 7.58 -13.69
CA HIS C 195 -10.46 8.42 -14.86
C HIS C 195 -10.23 7.56 -16.07
N HIS C 196 -11.31 6.95 -16.53
CA HIS C 196 -11.32 6.10 -17.72
C HIS C 196 -12.42 6.61 -18.62
N VAL C 197 -12.20 6.44 -19.92
CA VAL C 197 -13.04 7.04 -20.94
C VAL C 197 -13.35 5.99 -22.02
N VAL C 198 -14.64 5.78 -22.24
CA VAL C 198 -15.15 4.71 -23.08
C VAL C 198 -15.33 5.23 -24.49
N LYS C 199 -14.42 4.83 -25.40
CA LYS C 199 -14.54 5.12 -26.84
C LYS C 199 -15.57 4.18 -27.50
N VAL C 200 -16.23 4.64 -28.57
CA VAL C 200 -17.25 3.81 -29.25
C VAL C 200 -17.15 3.88 -30.77
N GLN C 201 -17.95 3.04 -31.44
CA GLN C 201 -18.10 3.04 -32.89
C GLN C 201 -19.17 4.03 -33.29
N TYR C 202 -20.27 4.05 -32.54
CA TYR C 202 -21.45 4.82 -32.91
C TYR C 202 -22.33 4.99 -31.66
N PRO C 203 -22.51 6.23 -31.14
CA PRO C 203 -23.28 6.42 -29.90
C PRO C 203 -24.71 5.90 -30.04
N ASP C 204 -25.15 5.08 -29.08
CA ASP C 204 -26.36 4.29 -29.26
C ASP C 204 -27.26 4.12 -28.02
N ALA C 205 -26.83 4.59 -26.85
CA ALA C 205 -27.55 4.30 -25.58
C ALA C 205 -27.67 2.81 -25.31
N LYS C 206 -26.57 2.10 -25.55
CA LYS C 206 -26.39 0.72 -25.16
C LYS C 206 -25.57 0.75 -23.86
N PRO C 207 -25.40 -0.40 -23.20
CA PRO C 207 -24.56 -0.43 -22.00
C PRO C 207 -23.09 -0.58 -22.34
N VAL C 208 -22.23 0.02 -21.51
CA VAL C 208 -20.77 -0.23 -21.55
C VAL C 208 -20.25 -0.50 -20.15
N ARG C 209 -19.06 -1.10 -20.09
CA ARG C 209 -18.49 -1.63 -18.86
C ARG C 209 -17.09 -1.07 -18.76
N CYS C 210 -16.81 -0.30 -17.71
CA CYS C 210 -15.60 0.53 -17.68
C CYS C 210 -14.27 -0.21 -17.64
N LYS C 211 -14.25 -1.50 -17.32
CA LYS C 211 -12.97 -2.16 -17.08
C LYS C 211 -12.21 -1.44 -15.97
N CYS C 212 -12.98 -0.77 -15.10
CA CYS C 212 -12.72 -0.70 -13.70
C CYS C 212 -13.81 -1.49 -13.00
N GLY C 213 -14.97 -1.66 -13.65
CA GLY C 213 -16.10 -2.39 -13.08
C GLY C 213 -17.45 -1.81 -13.44
N ARG C 214 -17.55 -0.48 -13.40
CA ARG C 214 -18.83 0.24 -13.53
C ARG C 214 -19.52 0.04 -14.91
N GLN C 215 -20.79 -0.35 -14.89
CA GLN C 215 -21.57 -0.48 -16.11
C GLN C 215 -22.60 0.64 -16.21
N PHE C 216 -22.47 1.46 -17.26
CA PHE C 216 -23.34 2.61 -17.45
C PHE C 216 -23.88 2.74 -18.86
N CYS C 217 -25.00 3.45 -18.98
CA CYS C 217 -25.59 3.81 -20.28
C CYS C 217 -24.75 4.88 -20.92
N PHE C 218 -24.18 4.56 -22.08
CA PHE C 218 -23.20 5.41 -22.76
C PHE C 218 -23.72 6.81 -23.12
N ASN C 219 -24.96 6.84 -23.61
CA ASN C 219 -25.59 8.07 -24.05
C ASN C 219 -25.86 9.02 -22.88
N CYS C 220 -26.75 8.62 -21.99
CA CYS C 220 -27.22 9.50 -20.90
C CYS C 220 -26.24 9.59 -19.72
N GLY C 221 -25.59 8.47 -19.39
CA GLY C 221 -24.54 8.45 -18.38
C GLY C 221 -24.92 7.98 -16.98
N GLU C 222 -26.10 7.36 -16.86
CA GLU C 222 -26.56 6.80 -15.58
C GLU C 222 -26.22 5.32 -15.56
N ASN C 223 -26.60 4.63 -14.48
CA ASN C 223 -26.48 3.17 -14.42
C ASN C 223 -27.43 2.56 -15.44
N TRP C 224 -27.06 1.40 -15.98
CA TRP C 224 -27.85 0.76 -17.03
C TRP C 224 -29.26 0.47 -16.51
N HIS C 225 -30.27 0.81 -17.31
CA HIS C 225 -31.66 0.95 -16.86
C HIS C 225 -32.61 0.25 -17.81
N ASP C 226 -32.20 -0.95 -18.22
CA ASP C 226 -32.71 -1.67 -19.42
C ASP C 226 -34.21 -1.53 -19.79
N PRO C 227 -35.16 -1.81 -18.86
CA PRO C 227 -36.59 -1.75 -19.27
C PRO C 227 -37.07 -0.36 -19.75
N VAL C 228 -36.67 0.70 -19.03
CA VAL C 228 -37.05 2.09 -19.36
C VAL C 228 -36.04 2.76 -20.30
N LYS C 229 -36.54 3.57 -21.23
CA LYS C 229 -35.69 4.32 -22.17
C LYS C 229 -35.07 5.53 -21.47
N CYS C 230 -33.91 5.98 -21.97
CA CYS C 230 -33.12 7.08 -21.38
C CYS C 230 -33.92 8.34 -21.00
N LYS C 231 -34.80 8.72 -21.91
CA LYS C 231 -35.49 10.01 -21.90
C LYS C 231 -36.35 10.09 -20.65
N TRP C 232 -37.22 9.09 -20.50
CA TRP C 232 -38.21 9.04 -19.43
C TRP C 232 -37.58 8.77 -18.05
N LEU C 233 -36.40 8.14 -18.02
CA LEU C 233 -35.68 8.02 -16.75
C LEU C 233 -35.28 9.40 -16.24
N LYS C 234 -34.67 10.21 -17.09
CA LYS C 234 -34.12 11.53 -16.68
C LYS C 234 -35.17 12.44 -16.00
N LYS C 235 -36.34 12.52 -16.64
CA LYS C 235 -37.49 13.25 -16.09
C LYS C 235 -37.90 12.68 -14.73
N TRP C 236 -37.88 11.35 -14.63
CA TRP C 236 -38.20 10.65 -13.38
C TRP C 236 -37.26 11.01 -12.22
N ILE C 237 -35.98 11.23 -12.50
CA ILE C 237 -35.01 11.52 -11.43
C ILE C 237 -35.19 12.97 -10.94
N LYS C 238 -35.69 13.85 -11.81
CA LYS C 238 -36.02 15.24 -11.43
C LYS C 238 -37.00 15.28 -10.25
N LYS C 239 -38.10 14.55 -10.37
CA LYS C 239 -39.15 14.49 -9.33
C LYS C 239 -38.65 14.18 -7.91
N CYS C 240 -37.66 13.30 -7.79
CA CYS C 240 -37.15 12.83 -6.51
C CYS C 240 -35.91 13.61 -6.05
N ASP C 241 -35.93 14.94 -6.21
CA ASP C 241 -34.81 15.82 -5.86
C ASP C 241 -35.29 17.12 -5.23
N ASN C 253 -38.78 3.41 5.86
CA ASN C 253 -37.88 2.31 6.28
C ASN C 253 -38.23 1.62 7.62
N THR C 254 -39.29 2.07 8.30
CA THR C 254 -39.78 1.45 9.54
C THR C 254 -41.31 1.35 9.51
N LYS C 255 -41.83 0.16 9.81
CA LYS C 255 -43.28 -0.10 9.86
C LYS C 255 -43.60 -1.01 11.06
N GLU C 256 -44.89 -1.31 11.24
CA GLU C 256 -45.35 -2.19 12.32
C GLU C 256 -46.05 -3.42 11.77
N CYS C 257 -45.86 -4.57 12.44
CA CYS C 257 -46.44 -5.85 12.03
C CYS C 257 -47.98 -5.73 11.90
N PRO C 258 -48.56 -6.23 10.79
CA PRO C 258 -50.02 -6.20 10.68
C PRO C 258 -50.78 -7.22 11.57
N LYS C 259 -50.07 -8.18 12.21
CA LYS C 259 -50.68 -9.17 13.09
C LYS C 259 -50.61 -8.73 14.56
N CYS C 260 -49.40 -8.67 15.13
CA CYS C 260 -49.20 -8.35 16.57
C CYS C 260 -48.83 -6.88 16.88
N HIS C 261 -48.46 -6.11 15.85
CA HIS C 261 -48.07 -4.70 15.98
C HIS C 261 -46.73 -4.41 16.69
N VAL C 262 -45.85 -5.41 16.80
CA VAL C 262 -44.47 -5.15 17.22
C VAL C 262 -43.76 -4.45 16.05
N THR C 263 -43.08 -3.33 16.35
CA THR C 263 -42.43 -2.52 15.31
C THR C 263 -41.28 -3.31 14.69
N ILE C 264 -41.10 -3.19 13.37
CA ILE C 264 -40.06 -3.90 12.63
C ILE C 264 -39.33 -2.94 11.70
N GLU C 265 -37.99 -2.87 11.83
CA GLU C 265 -37.15 -2.01 10.99
C GLU C 265 -36.29 -2.87 10.05
N LYS C 266 -36.29 -2.52 8.76
CA LYS C 266 -35.72 -3.39 7.73
C LYS C 266 -34.20 -3.45 7.82
N ASP C 267 -33.65 -4.65 8.09
CA ASP C 267 -32.21 -4.90 8.15
C ASP C 267 -31.72 -5.75 6.95
N GLY C 268 -32.53 -5.83 5.90
CA GLY C 268 -32.21 -6.59 4.69
C GLY C 268 -33.10 -6.22 3.52
N GLY C 269 -32.70 -6.63 2.32
CA GLY C 269 -33.44 -6.32 1.11
C GLY C 269 -34.63 -7.20 0.78
N CYS C 270 -34.73 -8.37 1.42
CA CYS C 270 -35.79 -9.31 1.11
C CYS C 270 -37.10 -8.76 1.65
N ASN C 271 -38.11 -8.73 0.78
CA ASN C 271 -39.45 -8.25 1.12
C ASN C 271 -40.40 -9.35 1.63
N HIS C 272 -39.93 -10.60 1.67
CA HIS C 272 -40.58 -11.66 2.43
C HIS C 272 -40.18 -11.50 3.90
N MET C 273 -41.08 -10.95 4.70
CA MET C 273 -40.83 -10.67 6.12
C MET C 273 -41.34 -11.79 7.03
N VAL C 274 -40.64 -11.99 8.14
CA VAL C 274 -41.08 -12.90 9.20
C VAL C 274 -40.99 -12.11 10.51
N CYS C 275 -42.03 -12.19 11.33
CA CYS C 275 -42.12 -11.40 12.57
C CYS C 275 -41.24 -11.99 13.66
N ARG C 276 -40.31 -11.18 14.17
CA ARG C 276 -39.43 -11.58 15.27
C ARG C 276 -40.24 -11.58 16.56
N ASN C 277 -40.70 -12.78 16.97
CA ASN C 277 -41.66 -12.93 18.07
C ASN C 277 -41.63 -14.36 18.66
N GLN C 278 -42.55 -14.62 19.59
CA GLN C 278 -42.96 -15.98 19.96
C GLN C 278 -44.46 -16.19 19.69
N ASN C 279 -45.29 -15.27 20.16
CA ASN C 279 -46.76 -15.33 19.99
C ASN C 279 -47.29 -15.14 18.56
N CYS C 280 -46.44 -14.59 17.68
CA CYS C 280 -46.80 -14.32 16.28
C CYS C 280 -45.57 -14.53 15.39
N LYS C 281 -45.40 -15.75 14.91
CA LYS C 281 -44.35 -16.05 13.92
C LYS C 281 -44.92 -15.93 12.51
N ALA C 282 -45.67 -14.85 12.27
CA ALA C 282 -46.44 -14.66 11.04
C ALA C 282 -45.62 -13.89 10.01
N GLU C 283 -45.93 -14.16 8.74
CA GLU C 283 -45.13 -13.69 7.62
C GLU C 283 -45.98 -12.92 6.61
N PHE C 284 -45.47 -11.74 6.25
CA PHE C 284 -46.19 -10.73 5.45
C PHE C 284 -45.25 -10.11 4.42
N CYS C 285 -45.81 -9.26 3.57
CA CYS C 285 -45.04 -8.48 2.59
C CYS C 285 -44.70 -7.09 3.11
N TRP C 286 -43.45 -6.64 2.96
CA TRP C 286 -43.02 -5.34 3.49
C TRP C 286 -43.66 -4.15 2.78
N VAL C 287 -43.74 -4.24 1.46
CA VAL C 287 -44.27 -3.16 0.64
C VAL C 287 -45.74 -2.92 1.02
N CYS C 288 -46.57 -3.93 0.78
CA CYS C 288 -48.03 -3.84 0.89
C CYS C 288 -48.62 -4.21 2.26
N LEU C 289 -47.78 -4.70 3.18
CA LEU C 289 -48.23 -5.27 4.49
C LEU C 289 -49.34 -6.32 4.38
N GLY C 290 -49.35 -7.05 3.26
CA GLY C 290 -50.35 -8.08 2.99
C GLY C 290 -49.76 -9.45 3.25
N PRO C 291 -50.60 -10.49 3.19
CA PRO C 291 -50.15 -11.84 3.56
C PRO C 291 -49.25 -12.51 2.52
N TRP C 292 -48.23 -13.20 3.02
CA TRP C 292 -47.39 -14.10 2.22
C TRP C 292 -47.82 -15.52 2.69
N GLU C 293 -48.03 -16.51 1.81
CA GLU C 293 -47.62 -16.55 0.40
C GLU C 293 -48.74 -16.80 -0.63
N PRO C 294 -49.82 -15.99 -0.62
CA PRO C 294 -50.57 -15.88 -1.88
C PRO C 294 -49.78 -15.08 -2.93
N HIS C 295 -48.75 -14.36 -2.47
CA HIS C 295 -47.73 -13.78 -3.35
C HIS C 295 -47.08 -14.85 -4.24
N GLY C 296 -47.00 -14.55 -5.54
CA GLY C 296 -46.40 -15.43 -6.56
C GLY C 296 -47.39 -16.25 -7.38
N SER C 297 -48.68 -15.90 -7.33
CA SER C 297 -49.74 -16.66 -8.00
C SER C 297 -50.52 -15.78 -8.99
N ALA C 298 -51.62 -16.30 -9.55
CA ALA C 298 -52.48 -15.57 -10.48
C ALA C 298 -53.47 -14.61 -9.79
N TRP C 299 -54.19 -15.09 -8.77
CA TRP C 299 -55.27 -14.33 -8.09
C TRP C 299 -54.79 -13.03 -7.42
N TYR C 300 -53.92 -13.17 -6.41
CA TYR C 300 -53.33 -12.02 -5.71
C TYR C 300 -52.16 -11.45 -6.51
N ASN C 301 -52.22 -10.16 -6.81
CA ASN C 301 -51.16 -9.43 -7.52
C ASN C 301 -50.86 -8.12 -6.79
N CYS C 302 -49.66 -8.02 -6.23
CA CYS C 302 -49.27 -6.91 -5.38
C CYS C 302 -48.93 -5.62 -6.13
N ASN C 303 -48.30 -5.77 -7.29
CA ASN C 303 -47.67 -4.67 -8.02
C ASN C 303 -48.55 -3.82 -8.96
N ARG C 304 -49.80 -4.23 -9.17
CA ARG C 304 -50.62 -3.68 -10.27
C ARG C 304 -51.09 -2.25 -10.03
N ALA C 322 -55.62 12.10 -6.61
CA ALA C 322 -55.43 10.80 -7.27
C ALA C 322 -54.05 10.68 -7.93
N ALA C 323 -53.50 11.80 -8.42
CA ALA C 323 -52.17 11.82 -9.04
C ALA C 323 -51.06 11.60 -8.02
N LEU C 324 -51.08 12.39 -6.94
CA LEU C 324 -50.10 12.25 -5.84
C LEU C 324 -50.26 10.90 -5.14
N GLN C 325 -51.50 10.44 -5.00
CA GLN C 325 -51.78 9.14 -4.41
C GLN C 325 -51.19 7.99 -5.24
N ARG C 326 -51.31 8.08 -6.57
CA ARG C 326 -50.75 7.07 -7.49
C ARG C 326 -49.26 7.29 -7.85
N TYR C 327 -48.73 8.49 -7.61
CA TYR C 327 -47.27 8.72 -7.66
C TYR C 327 -46.63 7.90 -6.53
N LEU C 328 -47.15 8.08 -5.32
CA LEU C 328 -46.64 7.36 -4.13
C LEU C 328 -46.64 5.84 -4.28
N PHE C 329 -47.52 5.28 -5.10
CA PHE C 329 -47.53 3.84 -5.40
C PHE C 329 -46.20 3.36 -6.02
N TYR C 330 -45.81 3.99 -7.11
CA TYR C 330 -44.61 3.57 -7.89
C TYR C 330 -43.28 3.99 -7.27
N CYS C 331 -43.24 5.20 -6.71
CA CYS C 331 -42.01 5.68 -6.05
C CYS C 331 -41.74 4.95 -4.73
N ASN C 332 -42.81 4.43 -4.11
CA ASN C 332 -42.66 3.50 -2.98
C ASN C 332 -41.89 2.27 -3.46
N ARG C 333 -42.31 1.69 -4.58
CA ARG C 333 -41.68 0.49 -5.16
C ARG C 333 -40.27 0.72 -5.69
N TYR C 334 -40.10 1.72 -6.57
CA TYR C 334 -38.77 2.11 -7.07
C TYR C 334 -37.75 2.23 -5.94
N MET C 335 -38.11 2.99 -4.90
CA MET C 335 -37.19 3.29 -3.80
C MET C 335 -37.02 2.12 -2.83
N ASN C 336 -38.05 1.28 -2.68
CA ASN C 336 -37.93 0.09 -1.85
C ASN C 336 -36.98 -0.95 -2.46
N HIS C 337 -37.15 -1.20 -3.76
CA HIS C 337 -36.19 -2.01 -4.52
C HIS C 337 -34.77 -1.43 -4.50
N MET C 338 -34.67 -0.09 -4.46
CA MET C 338 -33.39 0.62 -4.35
C MET C 338 -32.77 0.49 -2.97
N GLN C 339 -33.62 0.55 -1.94
CA GLN C 339 -33.19 0.30 -0.56
C GLN C 339 -32.78 -1.17 -0.40
N SER C 340 -33.45 -2.05 -1.14
CA SER C 340 -33.11 -3.47 -1.19
C SER C 340 -31.79 -3.73 -1.91
N LEU C 341 -31.57 -3.03 -3.03
CA LEU C 341 -30.32 -3.15 -3.82
C LEU C 341 -29.06 -2.87 -2.98
N ARG C 342 -29.15 -1.88 -2.09
CA ARG C 342 -28.08 -1.60 -1.12
C ARG C 342 -27.75 -2.83 -0.28
N PHE C 343 -28.76 -3.35 0.40
CA PHE C 343 -28.59 -4.53 1.26
C PHE C 343 -28.18 -5.78 0.48
N GLU C 344 -28.56 -5.85 -0.80
CA GLU C 344 -28.12 -6.92 -1.70
C GLU C 344 -26.61 -6.92 -1.97
N HIS C 345 -26.02 -5.72 -2.07
CA HIS C 345 -24.56 -5.57 -2.26
C HIS C 345 -23.75 -6.04 -1.06
N LYS C 346 -24.30 -5.89 0.13
CA LYS C 346 -23.65 -6.38 1.36
C LYS C 346 -23.69 -7.91 1.53
N LEU C 347 -24.27 -8.63 0.58
CA LEU C 347 -24.42 -10.08 0.63
C LEU C 347 -23.21 -10.89 0.11
N TYR C 348 -22.26 -10.22 -0.57
CA TYR C 348 -21.00 -10.86 -1.02
C TYR C 348 -20.09 -11.22 0.16
N ALA C 349 -20.19 -10.46 1.25
CA ALA C 349 -19.39 -10.67 2.46
C ALA C 349 -19.42 -12.11 2.98
N GLN C 350 -20.60 -12.74 2.92
CA GLN C 350 -20.80 -14.10 3.43
C GLN C 350 -20.40 -15.19 2.42
N VAL C 351 -20.61 -14.90 1.13
CA VAL C 351 -20.33 -15.80 0.00
C VAL C 351 -18.90 -16.43 -0.03
N LYS C 352 -17.90 -15.66 0.39
CA LYS C 352 -16.51 -16.15 0.40
C LYS C 352 -16.23 -17.11 1.57
N GLN C 353 -16.93 -16.91 2.70
CA GLN C 353 -16.66 -17.67 3.93
C GLN C 353 -17.15 -19.13 3.87
N LYS C 354 -18.30 -19.35 3.23
CA LYS C 354 -18.95 -20.65 3.17
C LYS C 354 -18.34 -21.53 2.07
N PHE C 370 -20.10 -20.62 -6.58
CA PHE C 370 -21.40 -20.37 -7.20
C PHE C 370 -22.24 -19.33 -6.45
N LEU C 371 -21.98 -19.16 -5.15
CA LEU C 371 -22.72 -18.19 -4.33
C LEU C 371 -22.45 -16.71 -4.74
N LYS C 372 -21.37 -16.44 -5.47
CA LYS C 372 -21.20 -15.13 -6.13
C LYS C 372 -22.16 -15.03 -7.29
N LYS C 373 -22.12 -16.02 -8.19
CA LYS C 373 -23.06 -16.11 -9.33
C LYS C 373 -24.49 -15.78 -8.92
N ALA C 374 -24.93 -16.32 -7.78
CA ALA C 374 -26.28 -16.10 -7.24
C ALA C 374 -26.53 -14.65 -6.82
N VAL C 375 -25.57 -14.07 -6.10
CA VAL C 375 -25.70 -12.68 -5.64
C VAL C 375 -25.68 -11.73 -6.83
N ASP C 376 -24.84 -12.04 -7.82
CA ASP C 376 -24.76 -11.24 -9.05
C ASP C 376 -26.10 -11.22 -9.76
N VAL C 377 -26.70 -12.39 -9.91
CA VAL C 377 -28.05 -12.50 -10.49
C VAL C 377 -29.07 -11.74 -9.64
N LEU C 378 -28.98 -11.89 -8.32
CA LEU C 378 -29.91 -11.21 -7.44
C LEU C 378 -29.77 -9.70 -7.53
N CYS C 379 -28.52 -9.22 -7.46
CA CYS C 379 -28.20 -7.79 -7.66
C CYS C 379 -28.62 -7.29 -9.06
N GLN C 380 -28.39 -8.15 -10.06
CA GLN C 380 -28.78 -7.91 -11.46
C GLN C 380 -30.29 -7.74 -11.58
N CYS C 381 -31.03 -8.67 -10.99
CA CYS C 381 -32.49 -8.68 -11.07
C CYS C 381 -33.13 -7.56 -10.26
N ARG C 382 -32.48 -7.12 -9.18
CA ARG C 382 -32.97 -5.98 -8.40
C ARG C 382 -32.95 -4.71 -9.25
N ALA C 383 -31.80 -4.39 -9.83
CA ALA C 383 -31.63 -3.19 -10.65
C ALA C 383 -32.70 -3.12 -11.70
N THR C 384 -32.87 -4.21 -12.46
CA THR C 384 -33.91 -4.29 -13.48
C THR C 384 -35.31 -4.11 -12.87
N LEU C 385 -35.51 -4.67 -11.67
CA LEU C 385 -36.80 -4.55 -10.98
C LEU C 385 -37.19 -3.12 -10.63
N MET C 386 -36.22 -2.28 -10.24
CA MET C 386 -36.46 -0.85 -9.97
C MET C 386 -37.02 -0.16 -11.20
N TYR C 387 -36.31 -0.33 -12.30
CA TYR C 387 -36.57 0.43 -13.52
C TYR C 387 -37.85 -0.02 -14.21
N THR C 388 -38.27 -1.25 -13.99
CA THR C 388 -39.59 -1.69 -14.47
C THR C 388 -40.74 -0.84 -13.91
N TYR C 389 -40.61 -0.31 -12.69
CA TYR C 389 -41.63 0.60 -12.12
C TYR C 389 -41.61 2.01 -12.73
N VAL C 390 -40.44 2.47 -13.16
CA VAL C 390 -40.31 3.74 -13.88
C VAL C 390 -40.88 3.61 -15.30
N PHE C 391 -40.57 2.50 -15.97
CA PHE C 391 -41.21 2.15 -17.23
C PHE C 391 -42.73 2.01 -17.10
N ALA C 392 -43.20 1.52 -15.95
CA ALA C 392 -44.63 1.32 -15.67
C ALA C 392 -45.39 2.59 -15.25
N PHE C 393 -44.72 3.54 -14.59
CA PHE C 393 -45.38 4.78 -14.11
C PHE C 393 -45.83 5.68 -15.24
N TYR C 394 -44.91 5.96 -16.16
CA TYR C 394 -45.22 6.71 -17.37
C TYR C 394 -45.94 5.89 -18.44
N LEU C 395 -46.16 4.59 -18.18
CA LEU C 395 -46.87 3.72 -19.09
C LEU C 395 -48.35 4.02 -19.09
N LYS C 396 -48.91 4.15 -20.29
CA LYS C 396 -50.35 4.16 -20.47
C LYS C 396 -50.86 2.69 -20.49
N LYS C 397 -51.96 2.42 -19.79
CA LYS C 397 -52.57 1.07 -19.76
C LYS C 397 -53.19 0.72 -21.11
N ASN C 398 -52.86 -0.46 -21.63
CA ASN C 398 -53.43 -0.97 -22.89
C ASN C 398 -53.37 -2.51 -22.92
N ASN C 399 -53.31 -3.10 -24.12
CA ASN C 399 -53.23 -4.56 -24.27
C ASN C 399 -51.94 -5.18 -23.72
N GLN C 400 -50.80 -4.56 -24.03
CA GLN C 400 -49.50 -5.09 -23.58
C GLN C 400 -49.18 -4.81 -22.11
N SER C 401 -49.69 -3.71 -21.56
CA SER C 401 -49.49 -3.40 -20.13
C SER C 401 -50.10 -4.42 -19.16
N ILE C 402 -50.90 -5.36 -19.66
CA ILE C 402 -51.38 -6.50 -18.86
C ILE C 402 -50.30 -7.61 -18.81
N ILE C 403 -49.70 -7.92 -19.95
CA ILE C 403 -48.66 -8.96 -20.04
C ILE C 403 -47.41 -8.56 -19.24
N PHE C 404 -47.01 -7.30 -19.35
CA PHE C 404 -45.81 -6.78 -18.66
C PHE C 404 -45.92 -6.90 -17.14
N GLU C 405 -47.10 -6.62 -16.59
CA GLU C 405 -47.32 -6.69 -15.14
C GLU C 405 -47.19 -8.11 -14.57
N ASN C 406 -47.59 -9.11 -15.35
CA ASN C 406 -47.44 -10.51 -14.93
C ASN C 406 -46.02 -11.02 -15.06
N ASN C 407 -45.29 -10.55 -16.07
CA ASN C 407 -43.84 -10.77 -16.13
C ASN C 407 -43.11 -10.06 -14.97
N GLN C 408 -43.56 -8.85 -14.62
CA GLN C 408 -43.02 -8.07 -13.50
C GLN C 408 -43.19 -8.78 -12.16
N ALA C 409 -44.36 -9.39 -11.93
CA ALA C 409 -44.62 -10.15 -10.70
C ALA C 409 -43.95 -11.55 -10.67
N ASP C 410 -43.75 -12.16 -11.84
CA ASP C 410 -43.04 -13.44 -11.95
C ASP C 410 -41.56 -13.29 -11.60
N LEU C 411 -40.95 -12.19 -12.04
CA LEU C 411 -39.60 -11.82 -11.62
C LEU C 411 -39.56 -11.29 -10.20
N GLU C 412 -40.56 -10.49 -9.81
CA GLU C 412 -40.62 -9.88 -8.48
C GLU C 412 -40.54 -10.92 -7.39
N ASN C 413 -41.39 -11.95 -7.48
CA ASN C 413 -41.40 -13.01 -6.46
C ASN C 413 -40.15 -13.87 -6.55
N ALA C 414 -39.79 -14.31 -7.76
CA ALA C 414 -38.53 -15.05 -7.98
C ALA C 414 -37.34 -14.38 -7.28
N THR C 415 -37.27 -13.06 -7.42
CA THR C 415 -36.24 -12.26 -6.77
C THR C 415 -36.36 -12.31 -5.23
N GLU C 416 -37.58 -12.32 -4.71
CA GLU C 416 -37.79 -12.41 -3.25
C GLU C 416 -37.54 -13.81 -2.70
N VAL C 417 -37.71 -14.84 -3.53
CA VAL C 417 -37.43 -16.23 -3.11
C VAL C 417 -35.92 -16.46 -3.13
N LEU C 418 -35.24 -15.87 -4.12
CA LEU C 418 -33.76 -15.86 -4.16
C LEU C 418 -33.17 -15.09 -2.98
N SER C 419 -33.67 -13.87 -2.78
CA SER C 419 -33.19 -13.00 -1.69
C SER C 419 -33.47 -13.62 -0.33
N GLY C 420 -34.63 -14.24 -0.19
CA GLY C 420 -35.04 -14.91 1.04
C GLY C 420 -34.20 -16.13 1.38
N TYR C 421 -33.72 -16.84 0.35
CA TYR C 421 -32.84 -17.96 0.58
C TYR C 421 -31.53 -17.45 1.14
N LEU C 422 -30.90 -16.54 0.41
CA LEU C 422 -29.53 -16.10 0.69
C LEU C 422 -29.41 -15.29 2.00
N GLU C 423 -30.38 -14.41 2.26
CA GLU C 423 -30.47 -13.67 3.54
C GLU C 423 -30.69 -14.51 4.80
N ARG C 424 -31.39 -15.64 4.65
CA ARG C 424 -32.03 -16.34 5.78
C ARG C 424 -31.96 -17.88 5.70
N ASP C 425 -32.60 -18.47 4.68
CA ASP C 425 -32.80 -19.93 4.59
C ASP C 425 -31.58 -20.80 4.16
N ILE C 426 -30.41 -20.19 3.92
CA ILE C 426 -29.21 -20.96 3.49
C ILE C 426 -28.47 -21.58 4.67
N SER C 427 -28.35 -20.82 5.76
CA SER C 427 -27.68 -21.27 6.99
C SER C 427 -28.65 -22.01 7.93
N GLN C 428 -29.89 -22.21 7.49
CA GLN C 428 -30.83 -23.14 8.13
C GLN C 428 -31.05 -24.28 7.12
N ASP C 429 -29.94 -24.88 6.70
CA ASP C 429 -29.92 -25.87 5.62
C ASP C 429 -28.54 -26.55 5.57
N SER C 430 -28.52 -27.85 5.32
CA SER C 430 -27.26 -28.62 5.25
C SER C 430 -26.49 -28.31 3.97
N LEU C 431 -25.17 -28.51 4.01
CA LEU C 431 -24.27 -28.04 2.95
C LEU C 431 -24.45 -28.66 1.57
N GLN C 432 -24.67 -29.98 1.49
CA GLN C 432 -24.85 -30.62 0.18
C GLN C 432 -26.05 -30.02 -0.58
N ASP C 433 -27.14 -29.77 0.14
CA ASP C 433 -28.39 -29.28 -0.46
C ASP C 433 -28.25 -27.92 -1.15
N ILE C 434 -27.60 -26.95 -0.50
CA ILE C 434 -27.62 -25.54 -0.95
C ILE C 434 -27.02 -25.30 -2.36
N LYS C 435 -26.27 -26.25 -2.93
CA LYS C 435 -25.79 -26.14 -4.32
C LYS C 435 -26.93 -26.16 -5.35
N GLN C 436 -27.71 -27.24 -5.38
CA GLN C 436 -28.82 -27.39 -6.33
C GLN C 436 -29.94 -26.38 -6.06
N LYS C 437 -30.22 -26.10 -4.78
CA LYS C 437 -31.26 -25.12 -4.41
C LYS C 437 -30.95 -23.70 -4.90
N VAL C 438 -29.74 -23.20 -4.58
CA VAL C 438 -29.31 -21.85 -5.03
C VAL C 438 -29.15 -21.75 -6.54
N GLN C 439 -28.64 -22.80 -7.18
CA GLN C 439 -28.42 -22.80 -8.64
C GLN C 439 -29.76 -22.65 -9.38
N ASP C 440 -30.74 -23.47 -9.01
CA ASP C 440 -32.07 -23.47 -9.62
C ASP C 440 -32.81 -22.15 -9.40
N LYS C 441 -32.63 -21.51 -8.25
CA LYS C 441 -33.32 -20.22 -7.96
C LYS C 441 -32.85 -19.05 -8.80
N TYR C 442 -31.54 -18.85 -8.91
CA TYR C 442 -31.00 -17.79 -9.75
C TYR C 442 -31.19 -18.09 -11.23
N ARG C 443 -31.05 -19.35 -11.62
CA ARG C 443 -31.33 -19.78 -13.00
C ARG C 443 -32.78 -19.43 -13.42
N TYR C 444 -33.70 -19.53 -12.47
CA TYR C 444 -35.09 -19.10 -12.67
C TYR C 444 -35.19 -17.58 -12.76
N CYS C 445 -34.51 -16.87 -11.85
CA CYS C 445 -34.47 -15.40 -11.88
C CYS C 445 -33.94 -14.88 -13.22
N GLU C 446 -32.78 -15.41 -13.63
CA GLU C 446 -32.17 -15.04 -14.90
C GLU C 446 -33.14 -15.29 -16.06
N SER C 447 -33.99 -16.32 -15.93
CA SER C 447 -35.08 -16.56 -16.88
C SER C 447 -36.18 -15.48 -16.82
N ARG C 448 -36.77 -15.28 -15.64
CA ARG C 448 -37.89 -14.31 -15.48
C ARG C 448 -37.52 -12.88 -15.92
N ARG C 449 -36.29 -12.47 -15.63
CA ARG C 449 -35.79 -11.18 -16.07
C ARG C 449 -35.69 -11.12 -17.60
N ARG C 450 -35.19 -12.20 -18.22
CA ARG C 450 -35.03 -12.26 -19.68
C ARG C 450 -36.37 -12.30 -20.42
N VAL C 451 -37.36 -12.96 -19.82
CA VAL C 451 -38.73 -12.95 -20.35
C VAL C 451 -39.31 -11.54 -20.23
N LEU C 452 -39.05 -10.88 -19.11
CA LEU C 452 -39.49 -9.49 -18.92
C LEU C 452 -38.97 -8.62 -20.08
N LEU C 453 -37.66 -8.69 -20.32
CA LEU C 453 -36.99 -7.82 -21.30
C LEU C 453 -37.28 -8.10 -22.78
N GLN C 454 -37.62 -9.34 -23.14
CA GLN C 454 -38.02 -9.63 -24.52
C GLN C 454 -39.39 -9.01 -24.83
N HIS C 455 -40.28 -9.00 -23.82
CA HIS C 455 -41.63 -8.46 -23.99
C HIS C 455 -41.61 -6.94 -24.17
N VAL C 456 -40.91 -6.24 -23.28
CA VAL C 456 -40.84 -4.77 -23.33
C VAL C 456 -40.01 -4.24 -24.51
N HIS C 457 -39.06 -5.03 -25.00
CA HIS C 457 -38.25 -4.67 -26.19
C HIS C 457 -38.96 -5.02 -27.50
N GLU C 458 -39.78 -6.06 -27.50
CA GLU C 458 -40.67 -6.36 -28.64
C GLU C 458 -41.84 -5.36 -28.71
N GLY C 459 -42.19 -4.78 -27.56
CA GLY C 459 -43.11 -3.65 -27.53
C GLY C 459 -42.53 -2.37 -28.13
N TYR C 460 -41.20 -2.22 -28.07
CA TYR C 460 -40.51 -1.11 -28.76
C TYR C 460 -40.41 -1.29 -30.29
N GLU C 461 -40.53 -2.52 -30.78
CA GLU C 461 -40.59 -2.77 -32.23
C GLU C 461 -41.90 -2.24 -32.83
N LYS C 462 -43.02 -2.72 -32.28
CA LYS C 462 -44.37 -2.41 -32.79
C LYS C 462 -44.97 -1.10 -32.24
N ASP C 463 -44.24 -0.39 -31.37
CA ASP C 463 -44.69 0.87 -30.75
C ASP C 463 -46.00 0.69 -29.97
N LEU C 464 -45.97 -0.17 -28.95
CA LEU C 464 -47.17 -0.52 -28.18
C LEU C 464 -47.31 0.21 -26.85
N TRP C 465 -46.41 1.16 -26.57
CA TRP C 465 -46.43 1.95 -25.32
C TRP C 465 -46.57 3.45 -25.62
N GLY D 1 1.48 21.67 6.03
CA GLY D 1 1.14 20.65 7.08
C GLY D 1 1.21 21.23 8.48
N SER D 2 0.36 20.76 9.38
CA SER D 2 0.19 21.34 10.75
C SER D 2 1.47 21.94 11.40
N MET D 3 2.61 21.26 11.24
CA MET D 3 3.91 21.70 11.80
C MET D 3 4.86 22.33 10.79
N ALA D 4 4.67 22.06 9.50
CA ALA D 4 5.40 22.78 8.42
C ALA D 4 4.93 24.23 8.24
N ALA D 5 3.67 24.49 8.61
CA ALA D 5 3.16 25.84 8.76
C ALA D 5 3.88 26.48 9.91
N SER D 6 3.88 25.82 11.07
CA SER D 6 4.57 26.34 12.27
C SER D 6 6.08 26.58 12.12
N ARG D 7 6.73 25.85 11.21
CA ARG D 7 8.14 26.05 10.92
C ARG D 7 8.37 27.35 10.15
N ARG D 8 7.51 27.62 9.17
CA ARG D 8 7.63 28.85 8.37
C ARG D 8 7.31 30.08 9.18
N LEU D 9 6.18 30.01 9.86
CA LEU D 9 5.73 31.10 10.73
C LEU D 9 6.78 31.44 11.78
N MET D 10 7.39 30.41 12.36
CA MET D 10 8.48 30.60 13.31
C MET D 10 9.59 31.48 12.73
N LYS D 11 9.83 31.36 11.42
CA LYS D 11 10.85 32.18 10.74
C LYS D 11 10.36 33.59 10.43
N GLU D 12 9.15 33.70 9.88
CA GLU D 12 8.54 35.00 9.52
C GLU D 12 8.42 35.88 10.73
N LEU D 13 8.08 35.27 11.87
CA LEU D 13 7.88 35.99 13.12
C LEU D 13 9.18 36.54 13.71
N GLU D 14 10.33 35.95 13.37
CA GLU D 14 11.64 36.55 13.69
C GLU D 14 11.89 37.80 12.85
N GLU D 15 11.82 37.63 11.52
CA GLU D 15 11.98 38.73 10.57
C GLU D 15 11.15 39.98 10.94
N ILE D 16 9.88 39.77 11.29
CA ILE D 16 8.98 40.86 11.68
C ILE D 16 9.44 41.51 12.99
N ARG D 17 9.82 40.69 13.97
CA ARG D 17 10.34 41.21 15.25
C ARG D 17 11.79 41.73 15.23
N LYS D 18 12.49 41.61 14.11
CA LYS D 18 13.83 42.20 13.98
C LYS D 18 13.75 43.67 13.58
N CYS D 19 12.94 43.96 12.55
CA CYS D 19 12.77 45.33 12.04
C CYS D 19 11.52 46.04 12.62
N GLY D 20 10.45 45.28 12.86
CA GLY D 20 9.17 45.86 13.25
C GLY D 20 8.42 46.37 12.04
N MET D 21 7.19 46.83 12.28
CA MET D 21 6.34 47.46 11.26
C MET D 21 5.80 48.73 11.92
N LYS D 22 5.88 49.86 11.22
CA LYS D 22 5.34 51.13 11.75
C LYS D 22 3.80 51.13 11.81
N ASN D 23 3.15 50.37 10.92
CA ASN D 23 1.69 50.31 10.83
C ASN D 23 1.01 49.10 11.49
N PHE D 24 1.75 48.30 12.26
CA PHE D 24 1.23 47.06 12.86
C PHE D 24 2.04 46.67 14.10
N ARG D 25 1.44 46.81 15.28
CA ARG D 25 2.17 46.81 16.54
C ARG D 25 1.59 45.77 17.48
N ASN D 26 2.30 45.50 18.56
CA ASN D 26 1.87 44.57 19.62
C ASN D 26 1.52 43.20 19.06
N ILE D 27 2.44 42.66 18.28
CA ILE D 27 2.22 41.40 17.58
C ILE D 27 2.37 40.30 18.62
N GLN D 28 1.27 39.66 18.98
CA GLN D 28 1.28 38.62 20.00
C GLN D 28 0.81 37.33 19.40
N VAL D 29 1.63 36.30 19.57
CA VAL D 29 1.33 34.96 19.11
C VAL D 29 1.47 34.05 20.30
N ASP D 30 0.74 32.92 20.29
CA ASP D 30 0.90 31.92 21.33
C ASP D 30 1.94 30.88 20.88
N GLU D 31 3.03 30.78 21.64
CA GLU D 31 4.20 30.00 21.24
C GLU D 31 3.95 28.49 21.09
N ALA D 32 2.89 27.99 21.72
CA ALA D 32 2.47 26.60 21.53
C ALA D 32 1.90 26.36 20.12
N ASN D 33 0.82 27.07 19.82
CA ASN D 33 0.11 26.92 18.54
C ASN D 33 0.96 27.48 17.37
N LEU D 34 1.16 28.80 17.41
CA LEU D 34 1.84 29.63 16.37
C LEU D 34 1.06 29.90 15.06
N LEU D 35 -0.16 29.38 14.95
CA LEU D 35 -0.98 29.62 13.78
C LEU D 35 -2.04 30.68 14.02
N THR D 36 -1.98 31.36 15.17
CA THR D 36 -2.96 32.41 15.52
C THR D 36 -2.23 33.62 16.07
N TRP D 37 -2.17 34.68 15.26
CA TRP D 37 -1.49 35.92 15.63
C TRP D 37 -2.53 36.92 16.11
N GLN D 38 -2.03 38.06 16.62
CA GLN D 38 -2.88 39.21 16.93
C GLN D 38 -2.03 40.46 16.90
N GLY D 39 -2.66 41.62 16.70
CA GLY D 39 -1.94 42.88 16.76
C GLY D 39 -2.77 44.10 16.42
N LEU D 40 -2.24 45.28 16.75
CA LEU D 40 -2.88 46.58 16.48
C LEU D 40 -2.51 47.14 15.11
N ILE D 41 -3.52 47.38 14.28
CA ILE D 41 -3.34 48.14 13.05
C ILE D 41 -3.58 49.62 13.34
N VAL D 42 -2.57 50.44 13.05
CA VAL D 42 -2.56 51.87 13.32
C VAL D 42 -2.52 52.66 11.98
N PRO D 43 -3.70 53.10 11.47
CA PRO D 43 -3.76 53.78 10.16
C PRO D 43 -3.20 55.22 10.15
N ASP D 44 -2.87 55.69 8.95
CA ASP D 44 -2.26 57.01 8.73
C ASP D 44 -3.22 58.07 8.16
N ASN D 45 -4.25 57.62 7.43
CA ASN D 45 -5.26 58.51 6.85
C ASN D 45 -6.54 58.64 7.70
N PRO D 46 -7.26 59.78 7.57
CA PRO D 46 -8.62 59.82 8.11
C PRO D 46 -9.55 59.01 7.20
N PRO D 47 -10.67 58.47 7.69
CA PRO D 47 -11.23 58.75 9.03
C PRO D 47 -10.61 58.02 10.22
N TYR D 48 -9.71 57.08 9.95
CA TYR D 48 -9.36 56.09 10.95
C TYR D 48 -8.08 56.31 11.79
N ASP D 49 -7.30 57.33 11.39
CA ASP D 49 -6.09 57.78 12.13
C ASP D 49 -6.24 58.21 13.58
N LYS D 50 -7.47 58.51 14.01
CA LYS D 50 -7.73 58.88 15.40
C LYS D 50 -7.60 57.69 16.35
N GLY D 51 -7.89 56.48 15.85
CA GLY D 51 -7.82 55.25 16.63
C GLY D 51 -6.99 54.15 15.98
N ALA D 52 -6.75 53.09 16.75
CA ALA D 52 -6.14 51.85 16.27
C ALA D 52 -7.13 50.72 16.45
N PHE D 53 -7.02 49.71 15.60
CA PHE D 53 -7.91 48.52 15.65
C PHE D 53 -7.11 47.24 15.75
N ARG D 54 -7.59 46.29 16.55
CA ARG D 54 -6.94 45.00 16.63
C ARG D 54 -7.52 44.01 15.61
N ILE D 55 -6.60 43.28 14.98
CA ILE D 55 -6.94 42.19 14.07
C ILE D 55 -6.45 40.90 14.71
N GLU D 56 -7.00 39.79 14.23
CA GLU D 56 -6.46 38.44 14.51
C GLU D 56 -6.22 37.74 13.17
N ILE D 57 -5.05 37.10 13.03
CA ILE D 57 -4.74 36.29 11.85
C ILE D 57 -4.80 34.81 12.20
N ASN D 58 -5.42 34.01 11.35
CA ASN D 58 -5.57 32.59 11.57
C ASN D 58 -5.05 31.79 10.38
N PHE D 59 -3.88 31.20 10.58
CA PHE D 59 -3.21 30.42 9.59
C PHE D 59 -3.79 29.00 9.58
N PRO D 60 -4.13 28.47 8.39
CA PRO D 60 -4.54 27.06 8.35
C PRO D 60 -3.32 26.17 8.47
N ALA D 61 -3.56 24.88 8.74
CA ALA D 61 -2.48 23.89 8.84
C ALA D 61 -1.68 23.77 7.55
N GLU D 62 -2.39 23.87 6.44
CA GLU D 62 -1.80 23.70 5.11
C GLU D 62 -0.91 24.88 4.70
N TYR D 63 -0.94 26.00 5.45
CA TYR D 63 -0.09 27.18 5.23
C TYR D 63 1.37 26.74 5.04
N PRO D 64 2.11 27.26 4.05
CA PRO D 64 1.75 28.41 3.22
C PRO D 64 1.00 28.11 1.91
N PHE D 65 0.45 26.91 1.74
CA PHE D 65 -0.19 26.56 0.45
C PHE D 65 -1.68 26.88 0.42
N LYS D 66 -2.25 27.18 1.58
CA LYS D 66 -3.54 27.85 1.68
C LYS D 66 -3.34 29.21 2.38
N PRO D 67 -4.19 30.18 2.03
CA PRO D 67 -4.04 31.51 2.59
C PRO D 67 -4.44 31.56 4.06
N PRO D 68 -4.00 32.62 4.76
CA PRO D 68 -4.51 32.92 6.09
C PRO D 68 -5.82 33.66 6.00
N LYS D 69 -6.53 33.73 7.12
CA LYS D 69 -7.73 34.57 7.25
C LYS D 69 -7.46 35.73 8.21
N ILE D 70 -8.12 36.86 7.98
CA ILE D 70 -8.02 37.99 8.90
C ILE D 70 -9.41 38.39 9.29
N THR D 71 -9.65 38.53 10.60
CA THR D 71 -10.92 39.05 11.09
C THR D 71 -10.60 40.10 12.12
N PHE D 72 -11.26 41.25 12.01
CA PHE D 72 -11.04 42.36 12.92
C PHE D 72 -11.78 42.03 14.19
N LYS D 73 -11.10 42.13 15.33
CA LYS D 73 -11.73 41.90 16.64
C LYS D 73 -12.12 43.23 17.31
N THR D 74 -11.70 44.37 16.75
CA THR D 74 -12.31 45.66 17.06
C THR D 74 -13.33 45.94 15.94
N LYS D 75 -14.47 46.52 16.32
CA LYS D 75 -15.49 46.93 15.34
C LYS D 75 -14.97 48.13 14.53
N ILE D 76 -15.33 48.19 13.26
CA ILE D 76 -14.87 49.26 12.37
C ILE D 76 -15.94 49.63 11.33
N TYR D 77 -16.12 50.92 11.10
CA TYR D 77 -17.06 51.40 10.08
C TYR D 77 -16.34 51.47 8.74
N HIS D 78 -16.49 50.42 7.94
CA HIS D 78 -15.72 50.25 6.69
C HIS D 78 -16.53 49.38 5.72
N PRO D 79 -16.56 49.75 4.42
CA PRO D 79 -17.43 49.06 3.47
C PRO D 79 -17.00 47.63 3.10
N ASN D 80 -15.69 47.38 3.11
CA ASN D 80 -15.13 46.04 2.90
C ASN D 80 -15.02 45.09 4.12
N ILE D 81 -15.39 45.57 5.32
CA ILE D 81 -15.24 44.80 6.57
C ILE D 81 -16.58 44.69 7.33
N ASP D 82 -17.21 43.51 7.28
CA ASP D 82 -18.57 43.32 7.84
C ASP D 82 -18.59 43.41 9.37
N GLU D 83 -19.80 43.39 9.94
CA GLU D 83 -20.00 43.62 11.37
C GLU D 83 -19.50 42.48 12.28
N LYS D 84 -19.27 41.28 11.73
CA LYS D 84 -18.69 40.15 12.49
C LYS D 84 -17.14 40.17 12.58
N GLY D 85 -16.49 40.97 11.73
CA GLY D 85 -15.03 41.04 11.67
C GLY D 85 -14.44 40.66 10.33
N GLN D 86 -15.13 39.80 9.56
CA GLN D 86 -14.66 39.30 8.25
C GLN D 86 -14.27 40.41 7.29
N VAL D 87 -13.13 40.24 6.60
CA VAL D 87 -12.66 41.22 5.61
C VAL D 87 -12.45 40.53 4.27
N LYS D 88 -13.06 41.07 3.22
CA LYS D 88 -12.73 40.65 1.88
C LYS D 88 -11.40 41.34 1.57
N LEU D 89 -10.34 40.56 1.57
CA LEU D 89 -9.04 41.04 1.16
C LEU D 89 -8.62 40.24 -0.09
N PRO D 90 -8.20 40.94 -1.18
CA PRO D 90 -7.92 40.23 -2.45
C PRO D 90 -6.70 39.29 -2.45
N VAL D 91 -5.62 39.71 -1.80
CA VAL D 91 -4.34 38.99 -1.89
C VAL D 91 -4.34 37.65 -1.15
N ILE D 92 -5.22 37.50 -0.16
CA ILE D 92 -5.37 36.25 0.61
C ILE D 92 -6.63 35.47 0.22
N SER D 93 -7.22 35.79 -0.93
CA SER D 93 -8.40 35.07 -1.42
C SER D 93 -7.94 33.74 -1.96
N ALA D 94 -8.88 32.78 -2.00
CA ALA D 94 -8.55 31.41 -2.41
C ALA D 94 -8.07 31.26 -3.86
N GLU D 95 -8.21 32.30 -4.69
CA GLU D 95 -7.84 32.24 -6.11
C GLU D 95 -6.52 32.94 -6.40
N ASN D 96 -6.30 34.09 -5.79
CA ASN D 96 -5.08 34.85 -6.01
C ASN D 96 -3.94 34.47 -5.05
N TRP D 97 -4.21 33.61 -4.05
CA TRP D 97 -3.21 33.36 -3.01
C TRP D 97 -2.06 32.53 -3.53
N LYS D 98 -0.86 33.03 -3.25
CA LYS D 98 0.39 32.41 -3.65
C LYS D 98 1.12 31.95 -2.41
N PRO D 99 1.87 30.83 -2.52
CA PRO D 99 2.62 30.40 -1.34
C PRO D 99 3.78 31.33 -0.98
N ALA D 100 4.30 32.05 -1.96
CA ALA D 100 5.46 32.92 -1.77
C ALA D 100 5.13 34.21 -0.99
N THR D 101 3.89 34.67 -1.13
CA THR D 101 3.40 35.83 -0.39
C THR D 101 3.73 35.69 1.10
N LYS D 102 4.53 36.63 1.61
CA LYS D 102 4.89 36.66 3.02
C LYS D 102 3.75 37.24 3.86
N THR D 103 3.85 37.11 5.18
CA THR D 103 2.81 37.63 6.09
C THR D 103 2.85 39.15 6.18
N ASP D 104 4.03 39.74 6.16
CA ASP D 104 4.12 41.19 6.19
C ASP D 104 3.53 41.88 4.94
N GLN D 105 3.58 41.22 3.79
CA GLN D 105 2.95 41.73 2.57
C GLN D 105 1.43 41.64 2.62
N VAL D 106 0.91 40.64 3.32
CA VAL D 106 -0.53 40.49 3.53
C VAL D 106 -1.03 41.62 4.40
N ILE D 107 -0.32 41.88 5.50
CA ILE D 107 -0.69 42.97 6.41
C ILE D 107 -0.53 44.34 5.75
N GLN D 108 0.57 44.55 5.05
CA GLN D 108 0.79 45.81 4.32
C GLN D 108 -0.32 46.05 3.27
N SER D 109 -0.84 44.96 2.71
CA SER D 109 -1.97 45.02 1.79
C SER D 109 -3.31 45.28 2.52
N LEU D 110 -3.44 44.76 3.74
CA LEU D 110 -4.62 45.01 4.57
C LEU D 110 -4.71 46.46 5.06
N ILE D 111 -3.57 47.02 5.46
CA ILE D 111 -3.50 48.43 5.89
C ILE D 111 -3.84 49.39 4.74
N ALA D 112 -3.43 49.04 3.51
CA ALA D 112 -3.80 49.80 2.32
C ALA D 112 -5.30 49.75 2.00
N LEU D 113 -5.97 48.69 2.44
CA LEU D 113 -7.43 48.55 2.27
C LEU D 113 -8.18 49.42 3.27
N VAL D 114 -7.64 49.55 4.48
CA VAL D 114 -8.15 50.50 5.47
C VAL D 114 -7.93 51.92 4.96
N ASN D 115 -6.67 52.29 4.77
CA ASN D 115 -6.28 53.64 4.32
C ASN D 115 -6.90 54.09 2.98
N ASP D 116 -7.46 53.16 2.19
CA ASP D 116 -8.16 53.49 0.96
C ASP D 116 -9.18 52.38 0.59
N PRO D 117 -10.42 52.47 1.12
CA PRO D 117 -11.46 51.46 0.87
C PRO D 117 -11.75 51.19 -0.60
N GLN D 118 -12.25 50.00 -0.87
CA GLN D 118 -12.51 49.51 -2.23
C GLN D 118 -14.00 49.16 -2.33
N PRO D 119 -14.86 50.18 -2.53
CA PRO D 119 -16.32 50.00 -2.46
C PRO D 119 -16.95 49.19 -3.61
N GLU D 120 -16.17 48.91 -4.66
CA GLU D 120 -16.61 48.13 -5.83
C GLU D 120 -16.64 46.60 -5.67
N HIS D 121 -16.14 46.05 -4.55
CA HIS D 121 -16.36 44.61 -4.19
C HIS D 121 -16.66 44.45 -2.68
N PRO D 122 -17.67 45.17 -2.16
CA PRO D 122 -17.84 45.35 -0.71
C PRO D 122 -18.65 44.25 0.00
N LEU D 123 -18.37 44.05 1.28
CA LEU D 123 -19.15 43.16 2.16
C LEU D 123 -20.33 43.86 2.88
N ARG D 124 -20.35 45.20 2.86
CA ARG D 124 -21.48 46.02 3.32
C ARG D 124 -21.83 47.04 2.24
N ALA D 125 -22.96 46.84 1.56
CA ALA D 125 -23.33 47.65 0.38
C ALA D 125 -23.80 49.06 0.78
N ASP D 126 -24.68 49.13 1.78
CA ASP D 126 -25.14 50.41 2.34
C ASP D 126 -24.02 51.32 2.90
N LEU D 127 -22.80 50.80 3.08
CA LEU D 127 -21.62 51.62 3.31
C LEU D 127 -20.81 51.89 2.04
N ALA D 128 -20.98 51.06 1.01
CA ALA D 128 -20.33 51.23 -0.29
C ALA D 128 -20.99 52.31 -1.16
N GLU D 129 -22.32 52.37 -1.11
CA GLU D 129 -23.09 53.50 -1.69
C GLU D 129 -22.67 54.80 -1.03
N GLU D 130 -22.74 54.77 0.30
CA GLU D 130 -22.40 55.91 1.16
C GLU D 130 -20.97 56.43 0.94
N TYR D 131 -20.05 55.55 0.54
CA TYR D 131 -18.67 55.94 0.28
C TYR D 131 -18.48 56.70 -1.03
N SER D 132 -19.09 56.20 -2.11
CA SER D 132 -18.91 56.75 -3.47
C SER D 132 -19.96 57.81 -3.86
N LYS D 133 -21.06 57.88 -3.12
CA LYS D 133 -22.13 58.88 -3.36
C LYS D 133 -22.18 60.06 -2.35
N ASP D 134 -21.61 59.89 -1.16
CA ASP D 134 -21.65 60.93 -0.10
C ASP D 134 -20.47 60.81 0.87
N ARG D 135 -19.26 60.96 0.34
CA ARG D 135 -18.01 60.73 1.08
C ARG D 135 -17.95 61.47 2.44
N LYS D 136 -18.49 62.68 2.49
CA LYS D 136 -18.49 63.46 3.74
C LYS D 136 -19.36 62.79 4.81
N LYS D 137 -20.60 62.44 4.46
CA LYS D 137 -21.51 61.70 5.36
C LYS D 137 -20.87 60.41 5.85
N PHE D 138 -20.12 59.74 4.98
CA PHE D 138 -19.40 58.52 5.35
C PHE D 138 -18.28 58.77 6.36
N CYS D 139 -17.35 59.64 6.00
CA CYS D 139 -16.20 59.94 6.87
C CYS D 139 -16.61 60.55 8.22
N LYS D 140 -17.75 61.26 8.24
CA LYS D 140 -18.29 61.80 9.49
C LYS D 140 -18.58 60.63 10.40
N ASN D 141 -19.48 59.75 9.94
CA ASN D 141 -19.95 58.61 10.73
C ASN D 141 -18.79 57.69 11.11
N ALA D 142 -17.92 57.44 10.15
CA ALA D 142 -16.73 56.62 10.36
C ALA D 142 -15.85 57.17 11.48
N GLU D 143 -15.67 58.49 11.49
CA GLU D 143 -14.90 59.16 12.55
C GLU D 143 -15.57 59.06 13.92
N GLU D 144 -16.89 59.21 13.95
CA GLU D 144 -17.65 59.09 15.20
C GLU D 144 -17.77 57.64 15.69
N PHE D 145 -17.71 56.68 14.75
CA PHE D 145 -17.69 55.25 15.09
C PHE D 145 -16.34 54.79 15.62
N THR D 146 -15.26 55.38 15.11
CA THR D 146 -13.91 55.13 15.61
C THR D 146 -13.69 55.61 17.05
N LYS D 147 -14.24 56.77 17.38
CA LYS D 147 -14.11 57.32 18.74
C LYS D 147 -14.83 56.47 19.78
N LYS D 148 -15.99 55.92 19.44
CA LYS D 148 -16.75 55.10 20.39
C LYS D 148 -16.07 53.73 20.62
N TYR D 149 -15.84 52.98 19.54
CA TYR D 149 -15.42 51.57 19.59
C TYR D 149 -13.92 51.30 19.39
N GLY D 150 -13.31 52.01 18.45
CA GLY D 150 -11.87 51.86 18.15
C GLY D 150 -10.96 52.01 19.36
N GLU D 151 -9.79 51.38 19.31
CA GLU D 151 -8.89 51.32 20.47
C GLU D 151 -8.03 52.60 20.51
N LYS D 152 -7.38 52.83 21.65
CA LYS D 152 -6.47 53.97 21.81
C LYS D 152 -5.18 53.76 21.01
N ARG D 153 -4.76 54.78 20.26
CA ARG D 153 -3.50 54.74 19.54
C ARG D 153 -2.33 54.73 20.50
N PRO D 154 -1.25 54.00 20.17
CA PRO D 154 -0.04 54.11 20.99
C PRO D 154 0.63 55.49 20.85
N VAL D 155 1.20 55.99 21.95
CA VAL D 155 1.81 57.32 22.02
C VAL D 155 3.33 57.19 21.98
N MET E 7 30.13 -39.19 33.07
CA MET E 7 31.61 -39.19 32.84
C MET E 7 32.15 -37.76 32.59
N GLN E 8 33.32 -37.65 31.96
CA GLN E 8 33.87 -36.35 31.53
C GLN E 8 34.17 -36.38 30.02
N ILE E 9 33.79 -35.32 29.31
CA ILE E 9 34.06 -35.18 27.87
C ILE E 9 34.88 -33.91 27.64
N PHE E 10 35.66 -33.90 26.57
CA PHE E 10 36.45 -32.74 26.19
C PHE E 10 35.78 -32.00 25.03
N VAL E 11 35.85 -30.68 25.06
CA VAL E 11 35.30 -29.82 24.03
C VAL E 11 36.43 -28.94 23.52
N LYS E 12 36.98 -29.28 22.36
CA LYS E 12 38.02 -28.47 21.70
C LYS E 12 37.36 -27.58 20.64
N THR E 13 38.16 -26.70 20.04
CA THR E 13 37.72 -25.67 19.12
C THR E 13 38.65 -25.69 17.88
N LEU E 14 38.22 -25.00 16.82
CA LEU E 14 39.10 -24.67 15.68
C LEU E 14 40.32 -23.82 16.09
N THR E 15 40.20 -23.09 17.21
CA THR E 15 41.30 -22.29 17.81
C THR E 15 42.11 -23.12 18.84
N GLY E 16 41.51 -23.37 20.00
CA GLY E 16 42.13 -24.18 21.05
C GLY E 16 41.45 -24.02 22.40
N LYS E 17 42.21 -24.26 23.46
CA LYS E 17 41.73 -24.24 24.84
C LYS E 17 40.76 -25.38 25.05
N THR E 18 41.28 -26.61 25.01
CA THR E 18 40.49 -27.82 25.28
C THR E 18 39.81 -27.68 26.62
N ILE E 19 38.50 -27.42 26.59
CA ILE E 19 37.69 -27.28 27.81
C ILE E 19 37.04 -28.63 28.15
N THR E 20 37.25 -29.08 29.39
CA THR E 20 36.64 -30.30 29.90
C THR E 20 35.25 -29.98 30.43
N LEU E 21 34.35 -30.97 30.38
CA LEU E 21 33.02 -30.85 30.96
C LEU E 21 32.74 -32.05 31.86
N GLU E 22 31.83 -31.85 32.81
CA GLU E 22 31.24 -32.91 33.61
C GLU E 22 29.84 -33.15 33.07
N VAL E 23 29.63 -34.30 32.42
CA VAL E 23 28.36 -34.66 31.77
C VAL E 23 28.06 -36.16 31.93
N GLU E 24 26.81 -36.49 32.25
CA GLU E 24 26.34 -37.89 32.25
C GLU E 24 25.76 -38.24 30.87
N PRO E 25 25.74 -39.55 30.52
CA PRO E 25 25.12 -39.99 29.24
C PRO E 25 23.61 -39.79 29.11
N SER E 26 22.94 -39.37 30.19
CA SER E 26 21.56 -38.89 30.15
C SER E 26 21.42 -37.43 29.68
N ASP E 27 22.49 -36.62 29.84
CA ASP E 27 22.47 -35.21 29.41
C ASP E 27 22.25 -35.11 27.91
N THR E 28 21.37 -34.19 27.49
CA THR E 28 21.10 -33.98 26.06
C THR E 28 22.23 -33.13 25.45
N ILE E 29 22.23 -33.01 24.12
CA ILE E 29 23.18 -32.13 23.42
C ILE E 29 22.86 -30.65 23.67
N GLU E 30 21.58 -30.30 23.79
CA GLU E 30 21.19 -28.95 24.21
C GLU E 30 21.68 -28.61 25.62
N ASN E 31 21.72 -29.62 26.50
CA ASN E 31 22.24 -29.48 27.86
C ASN E 31 23.77 -29.27 27.94
N VAL E 32 24.51 -29.82 26.97
CA VAL E 32 25.96 -29.61 26.86
C VAL E 32 26.31 -28.19 26.40
N LYS E 33 25.54 -27.65 25.43
CA LYS E 33 25.70 -26.25 25.00
C LYS E 33 25.39 -25.22 26.11
N ALA E 34 24.54 -25.59 27.08
CA ALA E 34 24.27 -24.78 28.27
C ALA E 34 25.44 -24.79 29.27
N LYS E 35 26.05 -25.96 29.46
CA LYS E 35 27.25 -26.10 30.30
C LYS E 35 28.49 -25.38 29.71
N ILE E 36 28.58 -25.31 28.38
CA ILE E 36 29.62 -24.55 27.68
C ILE E 36 29.41 -23.04 27.84
N GLN E 37 28.14 -22.59 27.78
CA GLN E 37 27.78 -21.18 27.99
C GLN E 37 28.20 -20.64 29.37
N ASP E 38 28.16 -21.50 30.39
CA ASP E 38 28.67 -21.15 31.72
C ASP E 38 30.18 -20.93 31.66
N LYS E 39 30.93 -21.97 31.31
CA LYS E 39 32.40 -21.94 31.38
C LYS E 39 33.07 -21.00 30.36
N GLU E 40 32.44 -20.77 29.21
CA GLU E 40 33.03 -19.92 28.16
C GLU E 40 32.31 -18.60 27.86
N GLY E 41 31.08 -18.44 28.36
CA GLY E 41 30.29 -17.25 28.07
C GLY E 41 29.88 -17.13 26.61
N ILE E 42 29.64 -18.27 25.96
CA ILE E 42 29.23 -18.32 24.56
C ILE E 42 27.76 -18.78 24.52
N PRO E 43 26.87 -18.00 23.87
CA PRO E 43 25.48 -18.47 23.73
C PRO E 43 25.36 -19.83 23.00
N PRO E 44 24.45 -20.73 23.43
CA PRO E 44 24.22 -22.00 22.71
C PRO E 44 23.82 -21.85 21.23
N ASP E 45 23.22 -20.72 20.85
CA ASP E 45 22.84 -20.49 19.45
C ASP E 45 24.04 -20.38 18.49
N GLN E 46 25.11 -19.73 18.95
CA GLN E 46 26.34 -19.61 18.17
C GLN E 46 27.05 -20.96 17.96
N GLN E 47 26.91 -21.87 18.93
CA GLN E 47 27.68 -23.13 18.96
C GLN E 47 27.23 -24.12 17.88
N ARG E 48 28.16 -24.93 17.40
CA ARG E 48 27.88 -26.12 16.60
C ARG E 48 28.81 -27.23 17.09
N LEU E 49 28.33 -28.03 18.04
CA LEU E 49 29.08 -29.21 18.50
C LEU E 49 29.06 -30.30 17.44
N ILE E 50 30.23 -30.88 17.20
CA ILE E 50 30.42 -31.87 16.16
C ILE E 50 31.08 -33.09 16.82
N PHE E 51 30.88 -34.26 16.23
CA PHE E 51 31.56 -35.48 16.68
C PHE E 51 31.52 -36.49 15.55
N ALA E 52 32.63 -37.19 15.34
CA ALA E 52 32.80 -38.11 14.21
C ALA E 52 32.51 -37.43 12.87
N GLY E 53 32.92 -36.18 12.74
CA GLY E 53 32.74 -35.41 11.51
C GLY E 53 31.34 -34.92 11.19
N LYS E 54 30.34 -35.36 11.94
CA LYS E 54 28.95 -34.98 11.69
C LYS E 54 28.47 -34.09 12.84
N GLN E 55 27.73 -33.06 12.49
CA GLN E 55 27.19 -32.13 13.47
C GLN E 55 26.11 -32.85 14.28
N LEU E 56 26.03 -32.54 15.58
CA LEU E 56 25.05 -33.16 16.47
C LEU E 56 23.78 -32.31 16.51
N GLU E 57 22.64 -32.98 16.66
CA GLU E 57 21.34 -32.30 16.79
C GLU E 57 21.05 -32.06 18.27
N ASP E 58 20.32 -30.98 18.56
CA ASP E 58 20.03 -30.54 19.95
C ASP E 58 19.26 -31.57 20.79
N GLY E 59 18.31 -32.27 20.17
CA GLY E 59 17.43 -33.19 20.89
C GLY E 59 18.07 -34.45 21.46
N ARG E 60 18.84 -35.14 20.62
CA ARG E 60 19.45 -36.41 21.02
C ARG E 60 20.48 -36.26 22.15
N THR E 61 20.70 -37.34 22.88
CA THR E 61 21.61 -37.36 24.03
C THR E 61 23.03 -37.80 23.62
N LEU E 62 23.96 -37.76 24.57
CA LEU E 62 25.33 -38.26 24.39
C LEU E 62 25.33 -39.78 24.18
N SER E 63 24.49 -40.48 24.93
CA SER E 63 24.32 -41.93 24.78
C SER E 63 23.89 -42.31 23.35
N ASP E 64 23.00 -41.52 22.75
CA ASP E 64 22.49 -41.77 21.38
C ASP E 64 23.61 -41.76 20.33
N TYR E 65 24.58 -40.87 20.51
CA TYR E 65 25.74 -40.74 19.61
C TYR E 65 26.96 -41.59 19.99
N ASN E 66 26.82 -42.47 21.00
CA ASN E 66 27.92 -43.29 21.52
C ASN E 66 29.08 -42.46 22.12
N ILE E 67 28.77 -41.28 22.66
CA ILE E 67 29.77 -40.38 23.26
C ILE E 67 30.12 -40.90 24.66
N GLN E 68 31.18 -41.70 24.73
CA GLN E 68 31.63 -42.34 25.98
C GLN E 68 32.59 -41.43 26.74
N LYS E 69 33.12 -41.93 27.86
CA LYS E 69 34.13 -41.22 28.65
C LYS E 69 35.42 -40.97 27.85
N GLU E 70 36.05 -39.82 28.12
CA GLU E 70 37.29 -39.36 27.47
C GLU E 70 37.17 -38.98 25.98
N SER E 71 35.95 -38.81 25.48
CA SER E 71 35.73 -38.43 24.08
C SER E 71 35.95 -36.93 23.90
N THR E 72 36.36 -36.56 22.67
CA THR E 72 36.61 -35.16 22.29
C THR E 72 35.49 -34.69 21.36
N LEU E 73 34.82 -33.63 21.77
CA LEU E 73 33.85 -32.92 20.95
C LEU E 73 34.53 -31.71 20.36
N HIS E 74 34.05 -31.29 19.19
CA HIS E 74 34.61 -30.16 18.46
C HIS E 74 33.62 -29.01 18.38
N LEU E 75 33.66 -28.15 19.38
CA LEU E 75 32.99 -26.85 19.32
C LEU E 75 33.48 -26.12 18.08
N VAL E 76 32.55 -25.61 17.28
CA VAL E 76 32.90 -24.83 16.11
C VAL E 76 31.89 -23.71 16.00
N LEU E 77 32.36 -22.48 16.15
CA LEU E 77 31.50 -21.30 16.01
C LEU E 77 31.55 -20.83 14.55
N ARG E 78 30.71 -19.85 14.22
CA ARG E 78 30.67 -19.29 12.88
C ARG E 78 29.77 -18.06 12.84
N LEU E 79 30.13 -17.06 12.03
CA LEU E 79 29.37 -15.81 11.95
C LEU E 79 27.99 -16.00 11.34
#